data_2EQG
#
_entry.id   2EQG
#
loop_
_entity.id
_entity.type
_entity.pdbx_description
1 polymer 'Tumor necrosis factor, alpha-induced protein 3'
2 non-polymer 'ZINC ION'
#
_entity_poly.entity_id   1
_entity_poly.type   'polypeptide(L)'
_entity_poly.pdbx_seq_one_letter_code
;GSSGSSGSLMDVKCETPNCPFFMSVNTQPLCHECSERRQKNQNSGPSSG
;
_entity_poly.pdbx_strand_id   A
#
# COMPACT_ATOMS: atom_id res chain seq x y z
N GLY A 1 4.00 -22.60 -2.78
CA GLY A 1 3.12 -23.11 -1.74
C GLY A 1 1.93 -22.19 -1.49
N SER A 2 1.30 -21.73 -2.56
CA SER A 2 0.15 -20.84 -2.45
C SER A 2 0.56 -19.51 -1.84
N SER A 3 1.70 -18.98 -2.30
CA SER A 3 2.20 -17.71 -1.80
C SER A 3 2.61 -16.80 -2.95
N GLY A 4 2.47 -15.49 -2.73
CA GLY A 4 2.82 -14.53 -3.76
C GLY A 4 1.63 -13.76 -4.27
N SER A 5 1.79 -12.44 -4.45
CA SER A 5 0.71 -11.59 -4.93
C SER A 5 1.22 -10.60 -5.97
N SER A 6 0.29 -9.95 -6.66
CA SER A 6 0.65 -8.97 -7.69
C SER A 6 1.90 -8.19 -7.27
N GLY A 7 1.89 -7.68 -6.05
CA GLY A 7 3.03 -6.91 -5.56
C GLY A 7 4.03 -7.78 -4.81
N SER A 8 5.29 -7.37 -4.84
CA SER A 8 6.35 -8.12 -4.16
C SER A 8 7.15 -7.20 -3.24
N LEU A 9 7.15 -7.53 -1.95
CA LEU A 9 7.88 -6.74 -0.96
C LEU A 9 9.33 -6.56 -1.38
N MET A 10 9.69 -5.32 -1.71
CA MET A 10 11.05 -5.00 -2.12
C MET A 10 11.93 -4.69 -0.91
N ASP A 11 13.21 -4.41 -1.16
CA ASP A 11 14.15 -4.10 -0.10
C ASP A 11 13.99 -2.65 0.36
N VAL A 12 12.92 -2.01 -0.09
CA VAL A 12 12.65 -0.62 0.27
C VAL A 12 11.63 -0.53 1.39
N LYS A 13 11.94 0.27 2.40
CA LYS A 13 11.05 0.45 3.54
C LYS A 13 9.83 1.27 3.16
N CYS A 14 8.71 1.00 3.82
CA CYS A 14 7.46 1.72 3.55
C CYS A 14 7.68 3.23 3.60
N GLU A 15 7.02 3.94 2.69
CA GLU A 15 7.14 5.39 2.64
C GLU A 15 7.22 6.00 4.03
N THR A 16 6.17 5.79 4.82
CA THR A 16 6.12 6.32 6.19
C THR A 16 7.36 5.92 6.97
N PRO A 17 8.07 6.92 7.51
CA PRO A 17 9.29 6.71 8.29
C PRO A 17 9.00 6.05 9.64
N ASN A 18 7.72 5.81 9.91
CA ASN A 18 7.32 5.18 11.17
C ASN A 18 6.87 3.74 10.93
N CYS A 19 6.59 3.41 9.69
CA CYS A 19 6.15 2.05 9.34
C CYS A 19 7.35 1.14 9.11
N PRO A 20 7.56 0.19 10.03
CA PRO A 20 8.67 -0.77 9.95
C PRO A 20 8.49 -1.77 8.81
N PHE A 21 7.31 -1.75 8.20
CA PHE A 21 7.03 -2.66 7.09
C PHE A 21 7.55 -2.10 5.77
N PHE A 22 7.83 -2.98 4.83
CA PHE A 22 8.33 -2.57 3.52
C PHE A 22 7.18 -2.31 2.54
N MET A 23 7.46 -1.54 1.50
CA MET A 23 6.45 -1.22 0.50
C MET A 23 6.53 -2.19 -0.68
N SER A 24 5.39 -2.79 -1.03
CA SER A 24 5.34 -3.74 -2.13
C SER A 24 5.39 -3.02 -3.47
N VAL A 25 5.43 -3.79 -4.55
CA VAL A 25 5.49 -3.22 -5.89
C VAL A 25 4.12 -2.70 -6.33
N ASN A 26 3.07 -3.19 -5.67
CA ASN A 26 1.71 -2.77 -5.98
C ASN A 26 1.13 -1.90 -4.87
N THR A 27 1.91 -1.72 -3.80
CA THR A 27 1.47 -0.91 -2.67
C THR A 27 2.29 0.36 -2.56
N GLN A 28 3.48 0.35 -3.16
CA GLN A 28 4.35 1.52 -3.13
C GLN A 28 3.62 2.77 -3.59
N PRO A 29 4.05 3.93 -3.08
CA PRO A 29 5.16 4.03 -2.14
C PRO A 29 4.81 3.44 -0.78
N LEU A 30 3.52 3.29 -0.51
CA LEU A 30 3.05 2.76 0.76
C LEU A 30 3.13 1.23 0.77
N CYS A 31 2.92 0.63 1.93
CA CYS A 31 2.96 -0.82 2.07
C CYS A 31 1.55 -1.40 2.12
N HIS A 32 1.47 -2.73 2.21
CA HIS A 32 0.19 -3.41 2.28
C HIS A 32 -0.66 -2.89 3.43
N GLU A 33 -0.01 -2.63 4.56
CA GLU A 33 -0.71 -2.12 5.73
C GLU A 33 -1.30 -0.74 5.47
N CYS A 34 -0.42 0.24 5.26
CA CYS A 34 -0.85 1.60 5.00
C CYS A 34 -1.77 1.66 3.78
N SER A 35 -1.31 1.11 2.67
CA SER A 35 -2.08 1.09 1.43
C SER A 35 -3.57 0.91 1.73
N GLU A 36 -3.93 -0.26 2.22
CA GLU A 36 -5.32 -0.56 2.54
C GLU A 36 -5.86 0.43 3.56
N ARG A 37 -5.06 0.74 4.57
CA ARG A 37 -5.47 1.67 5.61
C ARG A 37 -5.95 2.99 5.00
N ARG A 38 -5.27 3.43 3.96
CA ARG A 38 -5.64 4.68 3.28
C ARG A 38 -6.93 4.51 2.49
N GLN A 39 -7.05 3.39 1.79
CA GLN A 39 -8.25 3.11 1.00
C GLN A 39 -9.51 3.52 1.75
N LYS A 40 -9.60 3.12 3.02
CA LYS A 40 -10.75 3.44 3.84
C LYS A 40 -11.17 4.90 3.65
N ASN A 41 -10.18 5.79 3.64
CA ASN A 41 -10.45 7.22 3.46
C ASN A 41 -11.53 7.44 2.40
N GLN A 42 -11.32 6.87 1.23
CA GLN A 42 -12.27 7.00 0.13
C GLN A 42 -13.15 5.76 0.01
N ASN A 43 -14.46 5.97 0.03
CA ASN A 43 -15.42 4.88 -0.08
C ASN A 43 -16.56 5.24 -1.02
N SER A 44 -17.02 4.25 -1.78
CA SER A 44 -18.11 4.46 -2.73
C SER A 44 -19.43 3.92 -2.18
N GLY A 45 -19.44 3.66 -0.87
CA GLY A 45 -20.64 3.14 -0.24
C GLY A 45 -20.89 1.68 -0.57
N PRO A 46 -22.13 1.23 -0.38
CA PRO A 46 -22.52 -0.16 -0.65
C PRO A 46 -22.53 -0.47 -2.15
N SER A 47 -21.95 -1.62 -2.50
CA SER A 47 -21.88 -2.03 -3.90
C SER A 47 -23.24 -1.87 -4.58
N SER A 48 -24.29 -2.34 -3.93
CA SER A 48 -25.64 -2.24 -4.47
C SER A 48 -25.97 -0.81 -4.87
N GLY A 49 -25.77 0.12 -3.94
CA GLY A 49 -26.04 1.52 -4.22
C GLY A 49 -24.86 2.22 -4.86
N GLY A 1 9.75 -12.84 -12.43
CA GLY A 1 9.94 -13.87 -11.44
C GLY A 1 8.62 -14.34 -10.84
N SER A 2 8.57 -14.38 -9.51
CA SER A 2 7.36 -14.81 -8.80
C SER A 2 6.21 -13.84 -9.05
N SER A 3 5.16 -14.33 -9.70
CA SER A 3 3.99 -13.51 -10.00
C SER A 3 3.08 -13.39 -8.78
N GLY A 4 2.86 -12.15 -8.34
CA GLY A 4 2.00 -11.93 -7.18
C GLY A 4 0.82 -11.05 -7.51
N SER A 5 -0.36 -11.65 -7.63
CA SER A 5 -1.58 -10.91 -7.94
C SER A 5 -1.77 -9.75 -6.98
N SER A 6 -1.13 -9.85 -5.82
CA SER A 6 -1.24 -8.80 -4.79
C SER A 6 -0.05 -7.85 -4.87
N GLY A 7 1.15 -8.41 -4.78
CA GLY A 7 2.36 -7.58 -4.84
C GLY A 7 3.58 -8.32 -4.32
N SER A 8 4.72 -7.63 -4.30
CA SER A 8 5.96 -8.21 -3.83
C SER A 8 6.70 -7.25 -2.91
N LEU A 9 6.92 -7.67 -1.67
CA LEU A 9 7.62 -6.84 -0.70
C LEU A 9 8.98 -6.40 -1.23
N MET A 10 9.09 -5.13 -1.59
CA MET A 10 10.33 -4.58 -2.11
C MET A 10 11.40 -4.52 -1.02
N ASP A 11 12.63 -4.19 -1.40
CA ASP A 11 13.74 -4.10 -0.47
C ASP A 11 13.83 -2.69 0.14
N VAL A 12 12.78 -1.90 -0.06
CA VAL A 12 12.75 -0.54 0.45
C VAL A 12 11.68 -0.39 1.54
N LYS A 13 12.02 0.34 2.59
CA LYS A 13 11.10 0.56 3.70
C LYS A 13 9.89 1.37 3.25
N CYS A 14 8.76 1.16 3.92
CA CYS A 14 7.54 1.88 3.58
C CYS A 14 7.76 3.38 3.57
N GLU A 15 7.13 4.06 2.62
CA GLU A 15 7.27 5.51 2.49
C GLU A 15 7.33 6.18 3.86
N THR A 16 6.32 5.92 4.69
CA THR A 16 6.25 6.49 6.03
C THR A 16 7.55 6.23 6.80
N PRO A 17 8.17 7.31 7.29
CA PRO A 17 9.42 7.22 8.05
C PRO A 17 9.21 6.60 9.43
N ASN A 18 7.97 6.23 9.72
CA ASN A 18 7.64 5.62 11.01
C ASN A 18 7.17 4.18 10.82
N CYS A 19 6.95 3.79 9.57
CA CYS A 19 6.49 2.44 9.25
C CYS A 19 7.67 1.54 8.91
N PRO A 20 7.98 0.59 9.80
CA PRO A 20 9.09 -0.34 9.62
C PRO A 20 8.79 -1.36 8.51
N PHE A 21 7.52 -1.47 8.14
CA PHE A 21 7.11 -2.41 7.10
C PHE A 21 7.60 -1.95 5.73
N PHE A 22 7.93 -2.90 4.87
CA PHE A 22 8.42 -2.60 3.53
C PHE A 22 7.25 -2.31 2.58
N MET A 23 7.53 -1.55 1.53
CA MET A 23 6.51 -1.20 0.55
C MET A 23 6.56 -2.15 -0.65
N SER A 24 5.46 -2.86 -0.88
CA SER A 24 5.38 -3.80 -1.98
C SER A 24 5.33 -3.07 -3.32
N VAL A 25 5.30 -3.83 -4.41
CA VAL A 25 5.26 -3.25 -5.75
C VAL A 25 3.86 -2.73 -6.07
N ASN A 26 2.86 -3.29 -5.41
CA ASN A 26 1.48 -2.89 -5.63
C ASN A 26 0.99 -2.00 -4.50
N THR A 27 1.86 -1.76 -3.51
CA THR A 27 1.51 -0.92 -2.37
C THR A 27 2.36 0.35 -2.34
N GLN A 28 3.53 0.28 -2.98
CA GLN A 28 4.43 1.42 -3.03
C GLN A 28 3.71 2.67 -3.52
N PRO A 29 4.19 3.84 -3.09
CA PRO A 29 5.34 3.95 -2.19
C PRO A 29 5.02 3.45 -0.79
N LEU A 30 3.74 3.20 -0.52
CA LEU A 30 3.30 2.72 0.78
C LEU A 30 3.37 1.20 0.85
N CYS A 31 3.08 0.65 2.02
CA CYS A 31 3.10 -0.79 2.22
C CYS A 31 1.67 -1.35 2.33
N HIS A 32 1.49 -2.58 1.90
CA HIS A 32 0.19 -3.23 1.95
C HIS A 32 -0.58 -2.79 3.19
N GLU A 33 0.07 -2.87 4.34
CA GLU A 33 -0.57 -2.49 5.60
C GLU A 33 -1.12 -1.07 5.51
N CYS A 34 -0.34 -0.17 4.92
CA CYS A 34 -0.74 1.23 4.78
C CYS A 34 -1.73 1.38 3.62
N SER A 35 -1.30 0.99 2.43
CA SER A 35 -2.14 1.09 1.24
C SER A 35 -3.61 0.86 1.59
N GLU A 36 -3.89 -0.30 2.19
CA GLU A 36 -5.25 -0.64 2.57
C GLU A 36 -5.90 0.51 3.35
N ARG A 37 -5.13 1.11 4.26
CA ARG A 37 -5.62 2.21 5.07
C ARG A 37 -6.03 3.39 4.20
N ARG A 38 -5.16 3.75 3.26
CA ARG A 38 -5.43 4.86 2.35
C ARG A 38 -6.68 4.61 1.54
N GLN A 39 -6.67 3.54 0.75
CA GLN A 39 -7.81 3.19 -0.09
C GLN A 39 -9.13 3.50 0.62
N LYS A 40 -9.24 3.05 1.88
CA LYS A 40 -10.44 3.28 2.66
C LYS A 40 -10.29 4.52 3.54
N ASN A 41 -11.09 5.53 3.27
CA ASN A 41 -11.06 6.77 4.03
C ASN A 41 -12.40 7.50 3.96
N GLN A 42 -12.90 7.89 5.13
CA GLN A 42 -14.18 8.59 5.21
C GLN A 42 -14.05 10.01 4.66
N ASN A 43 -13.13 10.78 5.23
CA ASN A 43 -12.92 12.15 4.80
C ASN A 43 -12.83 12.24 3.27
N SER A 44 -11.94 11.44 2.69
CA SER A 44 -11.77 11.43 1.24
C SER A 44 -13.04 10.97 0.55
N GLY A 45 -13.17 11.32 -0.73
CA GLY A 45 -14.34 10.92 -1.49
C GLY A 45 -14.09 10.96 -2.99
N PRO A 46 -13.52 9.87 -3.52
CA PRO A 46 -13.22 9.75 -4.96
C PRO A 46 -14.47 9.63 -5.81
N SER A 47 -14.35 9.91 -7.10
CA SER A 47 -15.48 9.83 -8.02
C SER A 47 -15.34 8.62 -8.94
N SER A 48 -16.47 8.00 -9.27
CA SER A 48 -16.47 6.83 -10.13
C SER A 48 -15.78 7.14 -11.46
N GLY A 49 -16.25 8.17 -12.15
CA GLY A 49 -15.67 8.55 -13.42
C GLY A 49 -14.18 8.80 -13.32
N GLY A 1 -8.93 -17.25 1.48
CA GLY A 1 -8.08 -17.39 0.31
C GLY A 1 -7.33 -16.12 -0.03
N SER A 2 -6.01 -16.19 0.00
CA SER A 2 -5.17 -15.03 -0.30
C SER A 2 -4.96 -14.89 -1.80
N SER A 3 -5.25 -13.70 -2.31
CA SER A 3 -5.10 -13.42 -3.74
C SER A 3 -4.06 -12.33 -3.98
N GLY A 4 -3.77 -12.06 -5.25
CA GLY A 4 -2.80 -11.03 -5.59
C GLY A 4 -1.37 -11.49 -5.38
N SER A 5 -0.99 -12.55 -6.08
CA SER A 5 0.35 -13.10 -5.98
C SER A 5 1.38 -12.12 -6.53
N SER A 6 1.09 -11.56 -7.71
CA SER A 6 1.99 -10.60 -8.35
C SER A 6 2.65 -9.69 -7.32
N GLY A 7 1.82 -9.03 -6.51
CA GLY A 7 2.34 -8.14 -5.50
C GLY A 7 3.45 -8.76 -4.68
N SER A 8 4.60 -8.10 -4.65
CA SER A 8 5.75 -8.60 -3.91
C SER A 8 6.39 -7.49 -3.08
N LEU A 9 6.91 -7.86 -1.92
CA LEU A 9 7.56 -6.89 -1.02
C LEU A 9 8.92 -6.50 -1.56
N MET A 10 9.24 -5.20 -1.46
CA MET A 10 10.52 -4.69 -1.92
C MET A 10 11.51 -4.58 -0.76
N ASP A 11 12.79 -4.37 -1.10
CA ASP A 11 13.82 -4.24 -0.09
C ASP A 11 13.89 -2.82 0.46
N VAL A 12 12.83 -2.05 0.19
CA VAL A 12 12.76 -0.66 0.66
C VAL A 12 11.69 -0.50 1.72
N LYS A 13 12.02 0.21 2.79
CA LYS A 13 11.09 0.45 3.88
C LYS A 13 9.90 1.28 3.41
N CYS A 14 8.78 1.16 4.12
CA CYS A 14 7.58 1.89 3.78
C CYS A 14 7.81 3.40 3.84
N GLU A 15 7.16 4.13 2.95
CA GLU A 15 7.30 5.59 2.91
C GLU A 15 7.35 6.17 4.31
N THR A 16 6.30 5.93 5.09
CA THR A 16 6.22 6.44 6.45
C THR A 16 7.48 6.07 7.24
N PRO A 17 8.13 7.08 7.82
CA PRO A 17 9.35 6.89 8.62
C PRO A 17 9.07 6.19 9.94
N ASN A 18 7.82 5.81 10.15
CA ASN A 18 7.42 5.13 11.38
C ASN A 18 6.94 3.71 11.09
N CYS A 19 6.69 3.43 9.81
CA CYS A 19 6.23 2.10 9.41
C CYS A 19 7.42 1.21 9.05
N PRO A 20 7.64 0.18 9.88
CA PRO A 20 8.74 -0.78 9.67
C PRO A 20 8.50 -1.68 8.46
N PHE A 21 7.26 -1.72 7.99
CA PHE A 21 6.90 -2.54 6.84
C PHE A 21 7.69 -2.10 5.61
N PHE A 22 7.59 -2.89 4.54
CA PHE A 22 8.29 -2.59 3.29
C PHE A 22 7.29 -2.22 2.20
N MET A 23 7.76 -1.43 1.23
CA MET A 23 6.91 -1.01 0.12
C MET A 23 6.68 -2.16 -0.86
N SER A 24 5.41 -2.52 -1.04
CA SER A 24 5.05 -3.60 -1.94
C SER A 24 5.10 -3.14 -3.40
N VAL A 25 4.85 -4.06 -4.31
CA VAL A 25 4.86 -3.75 -5.74
C VAL A 25 3.53 -3.16 -6.18
N ASN A 26 2.48 -3.43 -5.41
CA ASN A 26 1.15 -2.91 -5.72
C ASN A 26 0.68 -1.93 -4.66
N THR A 27 1.53 -1.70 -3.66
CA THR A 27 1.21 -0.77 -2.58
C THR A 27 2.13 0.44 -2.60
N GLN A 28 3.22 0.34 -3.35
CA GLN A 28 4.18 1.44 -3.46
C GLN A 28 3.48 2.73 -3.84
N PRO A 29 4.02 3.87 -3.37
CA PRO A 29 5.21 3.87 -2.51
C PRO A 29 4.93 3.30 -1.12
N LEU A 30 3.67 3.37 -0.70
CA LEU A 30 3.27 2.85 0.60
C LEU A 30 3.37 1.34 0.65
N CYS A 31 3.10 0.76 1.81
CA CYS A 31 3.16 -0.68 1.99
C CYS A 31 1.75 -1.28 2.07
N HIS A 32 1.69 -2.61 2.19
CA HIS A 32 0.41 -3.30 2.28
C HIS A 32 -0.43 -2.75 3.43
N GLU A 33 0.16 -2.71 4.63
CA GLU A 33 -0.54 -2.21 5.80
C GLU A 33 -1.16 -0.85 5.52
N CYS A 34 -0.32 0.12 5.15
CA CYS A 34 -0.79 1.47 4.87
C CYS A 34 -1.77 1.47 3.68
N SER A 35 -1.27 1.07 2.52
CA SER A 35 -2.09 1.02 1.32
C SER A 35 -3.54 0.66 1.67
N GLU A 36 -3.73 -0.55 2.18
CA GLU A 36 -5.06 -1.01 2.55
C GLU A 36 -5.63 -0.17 3.68
N ARG A 37 -4.81 0.12 4.68
CA ARG A 37 -5.23 0.92 5.82
C ARG A 37 -5.99 2.17 5.36
N ARG A 38 -5.35 2.96 4.51
CA ARG A 38 -5.94 4.18 4.00
C ARG A 38 -7.27 3.88 3.30
N GLN A 39 -7.20 3.09 2.24
CA GLN A 39 -8.39 2.72 1.48
C GLN A 39 -9.57 2.45 2.42
N LYS A 40 -9.41 1.45 3.27
CA LYS A 40 -10.46 1.08 4.22
C LYS A 40 -11.10 2.32 4.82
N ASN A 41 -10.31 3.10 5.56
CA ASN A 41 -10.80 4.32 6.19
C ASN A 41 -10.93 5.44 5.18
N GLN A 42 -12.17 5.79 4.83
CA GLN A 42 -12.42 6.86 3.87
C GLN A 42 -12.86 8.14 4.58
N ASN A 43 -12.25 9.25 4.20
CA ASN A 43 -12.58 10.54 4.81
C ASN A 43 -14.00 10.96 4.46
N SER A 44 -14.56 11.86 5.26
CA SER A 44 -15.91 12.34 5.04
C SER A 44 -15.97 13.31 3.87
N GLY A 45 -17.14 13.41 3.24
CA GLY A 45 -17.30 14.30 2.10
C GLY A 45 -18.55 15.15 2.21
N PRO A 46 -18.52 16.33 1.56
CA PRO A 46 -19.64 17.27 1.58
C PRO A 46 -20.83 16.75 0.79
N SER A 47 -22.00 16.73 1.42
CA SER A 47 -23.23 16.26 0.77
C SER A 47 -23.08 14.79 0.36
N SER A 48 -22.50 13.99 1.25
CA SER A 48 -22.31 12.58 0.98
C SER A 48 -23.57 11.94 0.43
N GLY A 49 -24.68 12.14 1.14
CA GLY A 49 -25.96 11.57 0.71
C GLY A 49 -26.10 11.60 -0.81
N GLY A 1 -7.25 -19.60 -15.11
CA GLY A 1 -6.68 -18.99 -16.29
C GLY A 1 -5.51 -18.09 -15.95
N SER A 2 -5.75 -17.05 -15.17
CA SER A 2 -4.70 -16.11 -14.79
C SER A 2 -4.61 -15.99 -13.26
N SER A 3 -3.61 -15.25 -12.79
CA SER A 3 -3.41 -15.06 -11.36
C SER A 3 -4.22 -13.88 -10.85
N GLY A 4 -4.12 -12.75 -11.55
CA GLY A 4 -4.86 -11.56 -11.16
C GLY A 4 -3.94 -10.44 -10.71
N SER A 5 -4.09 -10.03 -9.45
CA SER A 5 -3.27 -8.96 -8.90
C SER A 5 -2.41 -9.46 -7.75
N SER A 6 -1.10 -9.32 -7.90
CA SER A 6 -0.16 -9.77 -6.88
C SER A 6 1.12 -8.93 -6.91
N GLY A 7 1.40 -8.26 -5.79
CA GLY A 7 2.58 -7.43 -5.72
C GLY A 7 3.78 -8.18 -5.17
N SER A 8 4.77 -7.44 -4.67
CA SER A 8 5.98 -8.04 -4.13
C SER A 8 6.67 -7.09 -3.16
N LEU A 9 6.88 -7.55 -1.93
CA LEU A 9 7.54 -6.73 -0.92
C LEU A 9 8.96 -6.37 -1.34
N MET A 10 9.16 -5.10 -1.71
CA MET A 10 10.47 -4.64 -2.13
C MET A 10 11.41 -4.50 -0.94
N ASP A 11 12.69 -4.32 -1.22
CA ASP A 11 13.70 -4.19 -0.17
C ASP A 11 13.74 -2.75 0.35
N VAL A 12 12.74 -1.96 -0.02
CA VAL A 12 12.67 -0.57 0.40
C VAL A 12 11.65 -0.39 1.52
N LYS A 13 12.03 0.38 2.54
CA LYS A 13 11.15 0.63 3.68
C LYS A 13 9.93 1.42 3.25
N CYS A 14 8.81 1.20 3.93
CA CYS A 14 7.57 1.90 3.63
C CYS A 14 7.77 3.41 3.62
N GLU A 15 7.13 4.08 2.67
CA GLU A 15 7.25 5.53 2.55
C GLU A 15 7.33 6.18 3.93
N THR A 16 6.31 5.96 4.75
CA THR A 16 6.27 6.54 6.09
C THR A 16 7.54 6.21 6.86
N PRO A 17 8.20 7.26 7.37
CA PRO A 17 9.45 7.12 8.14
C PRO A 17 9.21 6.49 9.51
N ASN A 18 7.95 6.15 9.78
CA ASN A 18 7.60 5.53 11.06
C ASN A 18 7.09 4.11 10.85
N CYS A 19 7.01 3.70 9.60
CA CYS A 19 6.53 2.36 9.26
C CYS A 19 7.70 1.45 8.88
N PRO A 20 8.03 0.51 9.77
CA PRO A 20 9.13 -0.44 9.54
C PRO A 20 8.80 -1.45 8.44
N PHE A 21 7.53 -1.52 8.07
CA PHE A 21 7.09 -2.46 7.04
C PHE A 21 7.59 -2.02 5.66
N PHE A 22 7.91 -3.00 4.82
CA PHE A 22 8.42 -2.72 3.49
C PHE A 22 7.26 -2.48 2.52
N MET A 23 7.48 -1.59 1.55
CA MET A 23 6.45 -1.27 0.56
C MET A 23 6.57 -2.19 -0.66
N SER A 24 5.47 -2.86 -0.99
CA SER A 24 5.46 -3.78 -2.13
C SER A 24 5.42 -3.00 -3.44
N VAL A 25 5.45 -3.74 -4.56
CA VAL A 25 5.40 -3.12 -5.88
C VAL A 25 4.01 -2.61 -6.20
N ASN A 26 3.00 -3.25 -5.62
CA ASN A 26 1.62 -2.86 -5.85
C ASN A 26 1.09 -1.99 -4.71
N THR A 27 1.93 -1.79 -3.70
CA THR A 27 1.55 -0.97 -2.55
C THR A 27 2.39 0.31 -2.49
N GLN A 28 3.58 0.25 -3.06
CA GLN A 28 4.47 1.41 -3.06
C GLN A 28 3.77 2.64 -3.60
N PRO A 29 4.21 3.82 -3.15
CA PRO A 29 5.32 3.94 -2.19
C PRO A 29 4.94 3.43 -0.80
N LEU A 30 3.65 3.24 -0.58
CA LEU A 30 3.15 2.76 0.71
C LEU A 30 3.24 1.24 0.80
N CYS A 31 3.02 0.70 1.99
CA CYS A 31 3.06 -0.74 2.20
C CYS A 31 1.66 -1.32 2.36
N HIS A 32 1.51 -2.60 2.01
CA HIS A 32 0.22 -3.26 2.12
C HIS A 32 -0.57 -2.74 3.31
N GLU A 33 0.03 -2.80 4.49
CA GLU A 33 -0.62 -2.33 5.71
C GLU A 33 -1.17 -0.92 5.52
N CYS A 34 -0.32 -0.02 5.03
CA CYS A 34 -0.72 1.37 4.81
C CYS A 34 -1.72 1.46 3.66
N SER A 35 -1.30 1.05 2.47
CA SER A 35 -2.15 1.09 1.29
C SER A 35 -3.60 0.81 1.67
N GLU A 36 -3.86 -0.39 2.17
CA GLU A 36 -5.20 -0.79 2.58
C GLU A 36 -5.79 0.20 3.58
N ARG A 37 -5.00 0.55 4.59
CA ARG A 37 -5.43 1.48 5.61
C ARG A 37 -5.93 2.79 4.99
N ARG A 38 -5.22 3.24 3.96
CA ARG A 38 -5.59 4.48 3.27
C ARG A 38 -6.90 4.31 2.52
N GLN A 39 -6.96 3.31 1.64
CA GLN A 39 -8.16 3.04 0.86
C GLN A 39 -9.41 3.12 1.73
N LYS A 40 -9.45 2.29 2.77
CA LYS A 40 -10.60 2.27 3.68
C LYS A 40 -10.79 3.63 4.34
N ASN A 41 -9.69 4.22 4.79
CA ASN A 41 -9.74 5.53 5.45
C ASN A 41 -10.50 6.53 4.61
N GLN A 42 -10.22 6.53 3.30
CA GLN A 42 -10.89 7.45 2.38
C GLN A 42 -12.35 7.05 2.17
N ASN A 43 -13.22 8.06 2.10
CA ASN A 43 -14.64 7.81 1.90
C ASN A 43 -14.95 7.56 0.43
N SER A 44 -13.91 7.53 -0.40
CA SER A 44 -14.08 7.30 -1.82
C SER A 44 -14.33 5.83 -2.12
N GLY A 45 -15.35 5.56 -2.92
CA GLY A 45 -15.69 4.18 -3.27
C GLY A 45 -16.29 3.42 -2.10
N PRO A 46 -17.63 3.39 -2.05
CA PRO A 46 -18.37 2.70 -0.98
C PRO A 46 -18.22 1.17 -1.08
N SER A 47 -18.18 0.67 -2.31
CA SER A 47 -18.07 -0.76 -2.53
C SER A 47 -16.98 -1.37 -1.64
N SER A 48 -15.85 -0.68 -1.55
CA SER A 48 -14.74 -1.14 -0.73
C SER A 48 -14.87 -0.65 0.71
N GLY A 49 -15.19 0.63 0.86
CA GLY A 49 -15.35 1.20 2.19
C GLY A 49 -16.77 1.07 2.71
N GLY A 1 -2.81 2.42 -13.49
CA GLY A 1 -4.14 2.50 -12.91
C GLY A 1 -4.45 1.31 -12.02
N SER A 2 -4.74 0.17 -12.64
CA SER A 2 -5.07 -1.04 -11.89
C SER A 2 -3.90 -2.03 -11.92
N SER A 3 -3.69 -2.70 -10.79
CA SER A 3 -2.60 -3.66 -10.67
C SER A 3 -3.09 -5.08 -11.01
N GLY A 4 -4.07 -5.55 -10.25
CA GLY A 4 -4.61 -6.88 -10.49
C GLY A 4 -3.73 -7.97 -9.91
N SER A 5 -2.42 -7.85 -10.14
CA SER A 5 -1.47 -8.83 -9.63
C SER A 5 -1.37 -8.78 -8.12
N SER A 6 -0.71 -9.78 -7.53
CA SER A 6 -0.54 -9.85 -6.09
C SER A 6 0.51 -8.86 -5.61
N GLY A 7 1.73 -8.99 -6.12
CA GLY A 7 2.80 -8.11 -5.74
C GLY A 7 3.86 -8.80 -4.91
N SER A 8 4.93 -8.07 -4.58
CA SER A 8 6.01 -8.63 -3.79
C SER A 8 6.69 -7.54 -2.96
N LEU A 9 7.13 -7.90 -1.76
CA LEU A 9 7.79 -6.95 -0.86
C LEU A 9 9.14 -6.52 -1.44
N MET A 10 9.29 -5.21 -1.62
CA MET A 10 10.53 -4.66 -2.16
C MET A 10 11.60 -4.55 -1.07
N ASP A 11 12.82 -4.21 -1.48
CA ASP A 11 13.93 -4.07 -0.53
C ASP A 11 13.95 -2.67 0.06
N VAL A 12 12.86 -1.94 -0.10
CA VAL A 12 12.76 -0.58 0.43
C VAL A 12 11.69 -0.48 1.51
N LYS A 13 12.00 0.27 2.56
CA LYS A 13 11.07 0.45 3.66
C LYS A 13 9.84 1.26 3.24
N CYS A 14 8.75 1.09 3.96
CA CYS A 14 7.51 1.81 3.65
C CYS A 14 7.74 3.32 3.67
N GLU A 15 7.16 4.02 2.70
CA GLU A 15 7.30 5.47 2.60
C GLU A 15 7.38 6.10 3.98
N THR A 16 6.32 5.92 4.77
CA THR A 16 6.27 6.46 6.12
C THR A 16 7.50 6.08 6.92
N PRO A 17 8.20 7.10 7.46
CA PRO A 17 9.41 6.88 8.26
C PRO A 17 9.10 6.25 9.61
N ASN A 18 7.82 6.03 9.89
CA ASN A 18 7.40 5.43 11.14
C ASN A 18 6.96 3.98 10.93
N CYS A 19 6.68 3.63 9.68
CA CYS A 19 6.24 2.28 9.35
C CYS A 19 7.44 1.38 9.07
N PRO A 20 7.68 0.42 9.99
CA PRO A 20 8.79 -0.53 9.87
C PRO A 20 8.57 -1.53 8.74
N PHE A 21 7.34 -1.61 8.25
CA PHE A 21 6.99 -2.53 7.17
C PHE A 21 7.51 -2.01 5.84
N PHE A 22 7.82 -2.93 4.93
CA PHE A 22 8.34 -2.57 3.61
C PHE A 22 7.19 -2.31 2.63
N MET A 23 7.46 -1.52 1.61
CA MET A 23 6.45 -1.20 0.61
C MET A 23 6.49 -2.19 -0.55
N SER A 24 5.34 -2.82 -0.81
CA SER A 24 5.26 -3.81 -1.89
C SER A 24 5.35 -3.13 -3.25
N VAL A 25 5.31 -3.93 -4.31
CA VAL A 25 5.40 -3.42 -5.68
C VAL A 25 4.08 -2.80 -6.11
N ASN A 26 2.98 -3.29 -5.53
CA ASN A 26 1.65 -2.78 -5.87
C ASN A 26 1.11 -1.90 -4.74
N THR A 27 1.92 -1.72 -3.70
CA THR A 27 1.52 -0.90 -2.56
C THR A 27 2.35 0.37 -2.49
N GLN A 28 3.56 0.32 -3.06
CA GLN A 28 4.45 1.47 -3.05
C GLN A 28 3.75 2.71 -3.58
N PRO A 29 4.20 3.89 -3.13
CA PRO A 29 5.30 4.00 -2.17
C PRO A 29 4.93 3.50 -0.78
N LEU A 30 3.64 3.27 -0.58
CA LEU A 30 3.14 2.78 0.72
C LEU A 30 3.22 1.26 0.79
N CYS A 31 2.98 0.72 1.98
CA CYS A 31 3.01 -0.73 2.18
C CYS A 31 1.59 -1.29 2.28
N HIS A 32 1.46 -2.59 2.03
CA HIS A 32 0.17 -3.26 2.09
C HIS A 32 -0.67 -2.71 3.24
N GLU A 33 -0.09 -2.71 4.43
CA GLU A 33 -0.79 -2.22 5.61
C GLU A 33 -1.37 -0.83 5.37
N CYS A 34 -0.50 0.13 5.04
CA CYS A 34 -0.93 1.50 4.78
C CYS A 34 -1.87 1.55 3.57
N SER A 35 -1.35 1.16 2.41
CA SER A 35 -2.13 1.17 1.18
C SER A 35 -3.52 0.60 1.42
N GLU A 36 -3.63 -0.27 2.43
CA GLU A 36 -4.91 -0.89 2.76
C GLU A 36 -5.71 0.00 3.71
N ARG A 37 -5.17 0.22 4.90
CA ARG A 37 -5.84 1.04 5.90
C ARG A 37 -6.35 2.34 5.28
N ARG A 38 -5.58 2.88 4.34
CA ARG A 38 -5.95 4.12 3.68
C ARG A 38 -7.20 3.93 2.82
N GLN A 39 -7.23 2.84 2.04
CA GLN A 39 -8.36 2.55 1.18
C GLN A 39 -9.67 2.69 1.94
N LYS A 40 -9.82 1.92 3.02
CA LYS A 40 -11.03 1.95 3.83
C LYS A 40 -11.37 3.39 4.23
N ASN A 41 -10.35 4.16 4.59
CA ASN A 41 -10.54 5.55 4.99
C ASN A 41 -11.05 6.39 3.81
N GLN A 42 -10.45 6.17 2.65
CA GLN A 42 -10.84 6.91 1.45
C GLN A 42 -12.36 6.91 1.28
N ASN A 43 -12.95 5.73 1.25
CA ASN A 43 -14.40 5.60 1.09
C ASN A 43 -14.94 4.46 1.96
N SER A 44 -15.90 4.79 2.81
CA SER A 44 -16.50 3.78 3.69
C SER A 44 -17.82 3.27 3.11
N GLY A 45 -18.30 2.14 3.65
CA GLY A 45 -19.53 1.56 3.17
C GLY A 45 -20.75 2.39 3.54
N PRO A 46 -21.17 2.31 4.81
CA PRO A 46 -22.32 3.05 5.32
C PRO A 46 -22.05 4.55 5.41
N SER A 47 -22.29 5.25 4.30
CA SER A 47 -22.07 6.69 4.25
C SER A 47 -23.07 7.43 5.14
N SER A 48 -24.36 7.27 4.82
CA SER A 48 -25.41 7.93 5.58
C SER A 48 -25.17 9.42 5.68
N GLY A 49 -24.70 10.02 4.59
CA GLY A 49 -24.43 11.44 4.58
C GLY A 49 -25.30 12.19 3.58
N GLY A 1 14.20 -12.04 -9.47
CA GLY A 1 13.16 -13.04 -9.26
C GLY A 1 12.02 -12.89 -10.25
N SER A 2 11.33 -14.00 -10.53
CA SER A 2 10.22 -13.99 -11.47
C SER A 2 9.25 -12.86 -11.15
N SER A 3 8.95 -12.69 -9.88
CA SER A 3 8.03 -11.65 -9.44
C SER A 3 6.71 -11.73 -10.19
N GLY A 4 6.22 -12.96 -10.37
CA GLY A 4 4.97 -13.16 -11.07
C GLY A 4 3.76 -13.07 -10.16
N SER A 5 3.56 -11.91 -9.56
CA SER A 5 2.44 -11.69 -8.65
C SER A 5 2.02 -10.23 -8.65
N SER A 6 0.82 -9.98 -8.12
CA SER A 6 0.30 -8.61 -8.06
C SER A 6 1.33 -7.65 -7.49
N GLY A 7 1.99 -8.06 -6.42
CA GLY A 7 3.00 -7.23 -5.80
C GLY A 7 3.91 -8.00 -4.87
N SER A 8 5.21 -7.70 -4.93
CA SER A 8 6.19 -8.39 -4.10
C SER A 8 6.92 -7.41 -3.20
N LEU A 9 6.91 -7.68 -1.90
CA LEU A 9 7.58 -6.81 -0.93
C LEU A 9 9.04 -6.62 -1.29
N MET A 10 9.43 -5.38 -1.59
CA MET A 10 10.81 -5.07 -1.94
C MET A 10 11.62 -4.72 -0.70
N ASP A 11 12.93 -4.55 -0.89
CA ASP A 11 13.82 -4.22 0.21
C ASP A 11 13.69 -2.75 0.59
N VAL A 12 12.75 -2.06 -0.04
CA VAL A 12 12.52 -0.65 0.23
C VAL A 12 11.54 -0.46 1.38
N LYS A 13 11.95 0.35 2.36
CA LYS A 13 11.10 0.63 3.52
C LYS A 13 9.84 1.38 3.11
N CYS A 14 8.74 1.08 3.79
CA CYS A 14 7.46 1.72 3.50
C CYS A 14 7.60 3.24 3.51
N GLU A 15 6.87 3.91 2.62
CA GLU A 15 6.92 5.36 2.52
C GLU A 15 7.12 5.99 3.89
N THR A 16 6.17 5.76 4.79
CA THR A 16 6.24 6.30 6.13
C THR A 16 7.51 5.88 6.84
N PRO A 17 8.29 6.85 7.32
CA PRO A 17 9.55 6.59 8.03
C PRO A 17 9.32 5.97 9.40
N ASN A 18 8.06 5.74 9.74
CA ASN A 18 7.72 5.15 11.04
C ASN A 18 7.23 3.72 10.85
N CYS A 19 6.80 3.39 9.64
CA CYS A 19 6.31 2.06 9.34
C CYS A 19 7.47 1.09 9.13
N PRO A 20 7.61 0.12 10.05
CA PRO A 20 8.68 -0.88 9.99
C PRO A 20 8.48 -1.87 8.85
N PHE A 21 7.36 -1.74 8.15
CA PHE A 21 7.04 -2.62 7.03
C PHE A 21 7.60 -2.07 5.72
N PHE A 22 7.84 -2.96 4.77
CA PHE A 22 8.37 -2.55 3.47
C PHE A 22 7.25 -2.30 2.47
N MET A 23 7.52 -1.44 1.49
CA MET A 23 6.52 -1.10 0.47
C MET A 23 6.59 -2.09 -0.69
N SER A 24 5.44 -2.66 -1.04
CA SER A 24 5.36 -3.62 -2.14
C SER A 24 5.47 -2.92 -3.48
N VAL A 25 5.47 -3.70 -4.55
CA VAL A 25 5.56 -3.15 -5.90
C VAL A 25 4.24 -2.58 -6.36
N ASN A 26 3.14 -3.08 -5.79
CA ASN A 26 1.80 -2.62 -6.14
C ASN A 26 1.23 -1.76 -5.02
N THR A 27 1.99 -1.59 -3.95
CA THR A 27 1.56 -0.79 -2.81
C THR A 27 2.40 0.48 -2.67
N GLN A 28 3.57 0.48 -3.30
CA GLN A 28 4.46 1.63 -3.25
C GLN A 28 3.73 2.91 -3.67
N PRO A 29 4.18 4.05 -3.12
CA PRO A 29 5.30 4.09 -2.19
C PRO A 29 4.95 3.47 -0.84
N LEU A 30 3.66 3.43 -0.52
CA LEU A 30 3.20 2.87 0.74
C LEU A 30 3.29 1.34 0.72
N CYS A 31 3.00 0.73 1.86
CA CYS A 31 3.05 -0.72 1.97
C CYS A 31 1.64 -1.31 2.03
N HIS A 32 1.56 -2.64 2.10
CA HIS A 32 0.27 -3.32 2.15
C HIS A 32 -0.57 -2.80 3.31
N GLU A 33 0.02 -2.79 4.51
CA GLU A 33 -0.68 -2.31 5.69
C GLU A 33 -1.26 -0.93 5.47
N CYS A 34 -0.38 0.05 5.25
CA CYS A 34 -0.81 1.42 5.02
C CYS A 34 -1.78 1.51 3.83
N SER A 35 -1.30 1.10 2.66
CA SER A 35 -2.13 1.12 1.45
C SER A 35 -3.53 0.62 1.74
N GLU A 36 -3.63 -0.39 2.60
CA GLU A 36 -4.92 -0.97 2.97
C GLU A 36 -5.77 0.05 3.72
N ARG A 37 -5.12 0.83 4.58
CA ARG A 37 -5.82 1.84 5.37
C ARG A 37 -6.41 2.92 4.48
N ARG A 38 -5.66 3.33 3.46
CA ARG A 38 -6.12 4.36 2.53
C ARG A 38 -7.26 3.83 1.66
N GLN A 39 -7.10 2.62 1.15
CA GLN A 39 -8.12 2.01 0.30
C GLN A 39 -9.52 2.36 0.80
N LYS A 40 -9.74 2.16 2.09
CA LYS A 40 -11.04 2.44 2.70
C LYS A 40 -11.27 3.95 2.80
N ASN A 41 -10.38 4.63 3.51
CA ASN A 41 -10.48 6.08 3.67
C ASN A 41 -10.86 6.76 2.36
N GLN A 42 -9.96 6.66 1.38
CA GLN A 42 -10.19 7.26 0.07
C GLN A 42 -11.02 6.34 -0.81
N ASN A 43 -11.66 6.91 -1.82
CA ASN A 43 -12.50 6.14 -2.75
C ASN A 43 -12.58 6.83 -4.10
N SER A 44 -13.20 6.15 -5.07
CA SER A 44 -13.35 6.69 -6.42
C SER A 44 -14.77 7.23 -6.62
N GLY A 45 -14.86 8.46 -7.13
CA GLY A 45 -16.15 9.07 -7.37
C GLY A 45 -16.24 9.70 -8.75
N PRO A 46 -17.17 10.66 -8.91
CA PRO A 46 -17.38 11.35 -10.18
C PRO A 46 -16.22 12.29 -10.52
N SER A 47 -15.86 12.32 -11.80
CA SER A 47 -14.77 13.17 -12.26
C SER A 47 -15.30 14.51 -12.76
N SER A 48 -16.60 14.74 -12.57
CA SER A 48 -17.22 15.98 -13.00
C SER A 48 -16.94 17.11 -12.01
N GLY A 49 -16.58 18.27 -12.53
CA GLY A 49 -16.29 19.42 -11.69
C GLY A 49 -14.86 19.88 -11.81
N GLY A 1 -9.29 -0.28 -17.56
CA GLY A 1 -8.16 -0.79 -16.82
C GLY A 1 -8.58 -1.51 -15.54
N SER A 2 -8.22 -2.79 -15.45
CA SER A 2 -8.57 -3.59 -14.27
C SER A 2 -7.33 -3.89 -13.44
N SER A 3 -7.54 -4.18 -12.17
CA SER A 3 -6.44 -4.49 -11.26
C SER A 3 -6.22 -6.00 -11.15
N GLY A 4 -4.96 -6.41 -11.16
CA GLY A 4 -4.64 -7.82 -11.07
C GLY A 4 -3.16 -8.07 -10.84
N SER A 5 -2.61 -7.42 -9.82
CA SER A 5 -1.19 -7.56 -9.51
C SER A 5 -1.00 -8.29 -8.18
N SER A 6 0.12 -8.98 -8.03
CA SER A 6 0.42 -9.72 -6.81
C SER A 6 1.07 -8.81 -5.78
N GLY A 7 2.10 -8.08 -6.20
CA GLY A 7 2.79 -7.18 -5.30
C GLY A 7 3.83 -7.89 -4.45
N SER A 8 5.10 -7.72 -4.79
CA SER A 8 6.18 -8.37 -4.06
C SER A 8 6.86 -7.37 -3.12
N LEU A 9 6.87 -7.70 -1.84
CA LEU A 9 7.49 -6.84 -0.83
C LEU A 9 8.96 -6.56 -1.18
N MET A 10 9.21 -5.35 -1.65
CA MET A 10 10.57 -4.95 -2.03
C MET A 10 11.41 -4.67 -0.79
N ASP A 11 12.69 -4.40 -1.00
CA ASP A 11 13.60 -4.13 0.10
C ASP A 11 13.55 -2.66 0.49
N VAL A 12 12.60 -1.93 -0.08
CA VAL A 12 12.44 -0.51 0.20
C VAL A 12 11.49 -0.29 1.37
N LYS A 13 11.94 0.45 2.37
CA LYS A 13 11.13 0.75 3.54
C LYS A 13 9.87 1.50 3.15
N CYS A 14 8.76 1.18 3.81
CA CYS A 14 7.48 1.84 3.54
C CYS A 14 7.63 3.36 3.60
N GLU A 15 7.00 4.04 2.64
CA GLU A 15 7.06 5.49 2.57
C GLU A 15 7.10 6.10 3.96
N THR A 16 6.10 5.77 4.78
CA THR A 16 6.01 6.29 6.14
C THR A 16 7.29 6.00 6.92
N PRO A 17 7.92 7.05 7.45
CA PRO A 17 9.16 6.93 8.22
C PRO A 17 8.94 6.27 9.57
N ASN A 18 7.69 5.90 9.84
CA ASN A 18 7.35 5.25 11.10
C ASN A 18 6.92 3.81 10.87
N CYS A 19 6.72 3.44 9.61
CA CYS A 19 6.31 2.10 9.26
C CYS A 19 7.52 1.22 8.95
N PRO A 20 7.81 0.27 9.86
CA PRO A 20 8.93 -0.66 9.71
C PRO A 20 8.71 -1.66 8.59
N PHE A 21 7.48 -1.73 8.09
CA PHE A 21 7.15 -2.65 7.02
C PHE A 21 7.65 -2.13 5.67
N PHE A 22 7.98 -3.05 4.77
CA PHE A 22 8.48 -2.68 3.45
C PHE A 22 7.33 -2.40 2.50
N MET A 23 7.59 -1.60 1.47
CA MET A 23 6.57 -1.25 0.48
C MET A 23 6.62 -2.20 -0.71
N SER A 24 5.49 -2.80 -1.03
CA SER A 24 5.39 -3.75 -2.14
C SER A 24 5.48 -3.01 -3.47
N VAL A 25 5.44 -3.77 -4.56
CA VAL A 25 5.51 -3.20 -5.91
C VAL A 25 4.16 -2.61 -6.32
N ASN A 26 3.10 -3.08 -5.68
CA ASN A 26 1.75 -2.60 -5.98
C ASN A 26 1.21 -1.74 -4.85
N THR A 27 1.98 -1.65 -3.76
CA THR A 27 1.57 -0.86 -2.61
C THR A 27 2.40 0.42 -2.51
N GLN A 28 3.57 0.43 -3.14
CA GLN A 28 4.45 1.58 -3.12
C GLN A 28 3.71 2.83 -3.58
N PRO A 29 4.15 4.00 -3.07
CA PRO A 29 5.27 4.09 -2.13
C PRO A 29 4.91 3.50 -0.76
N LEU A 30 3.63 3.31 -0.52
CA LEU A 30 3.15 2.77 0.75
C LEU A 30 3.29 1.25 0.77
N CYS A 31 3.01 0.66 1.93
CA CYS A 31 3.09 -0.80 2.08
C CYS A 31 1.70 -1.42 2.10
N HIS A 32 1.65 -2.75 2.13
CA HIS A 32 0.39 -3.47 2.16
C HIS A 32 -0.54 -2.90 3.23
N GLU A 33 -0.08 -2.89 4.47
CA GLU A 33 -0.86 -2.36 5.58
C GLU A 33 -1.36 -0.95 5.29
N CYS A 34 -0.42 0.00 5.23
CA CYS A 34 -0.76 1.39 4.95
C CYS A 34 -1.67 1.49 3.72
N SER A 35 -1.14 1.10 2.57
CA SER A 35 -1.89 1.16 1.32
C SER A 35 -3.34 0.75 1.55
N GLU A 36 -3.54 -0.23 2.42
CA GLU A 36 -4.88 -0.72 2.72
C GLU A 36 -5.60 0.22 3.69
N ARG A 37 -4.86 0.71 4.68
CA ARG A 37 -5.43 1.62 5.68
C ARG A 37 -6.16 2.77 5.00
N ARG A 38 -5.58 3.29 3.92
CA ARG A 38 -6.18 4.39 3.19
C ARG A 38 -7.29 3.90 2.27
N GLN A 39 -7.01 2.83 1.53
CA GLN A 39 -7.98 2.25 0.62
C GLN A 39 -9.38 2.24 1.24
N LYS A 40 -9.51 1.53 2.36
CA LYS A 40 -10.80 1.44 3.05
C LYS A 40 -11.56 2.76 2.95
N ASN A 41 -10.90 3.86 3.30
CA ASN A 41 -11.51 5.17 3.25
C ASN A 41 -11.52 5.72 1.82
N GLN A 42 -12.70 6.07 1.33
CA GLN A 42 -12.84 6.61 -0.02
C GLN A 42 -12.40 8.07 -0.07
N ASN A 43 -11.55 8.40 -1.03
CA ASN A 43 -11.05 9.76 -1.19
C ASN A 43 -11.67 10.42 -2.43
N SER A 44 -12.61 9.72 -3.05
CA SER A 44 -13.27 10.24 -4.24
C SER A 44 -13.76 11.67 -4.03
N GLY A 45 -14.51 11.86 -2.94
CA GLY A 45 -15.03 13.18 -2.64
C GLY A 45 -13.95 14.15 -2.23
N PRO A 46 -13.73 14.29 -0.91
CA PRO A 46 -12.72 15.19 -0.36
C PRO A 46 -11.30 14.71 -0.64
N SER A 47 -10.68 15.29 -1.67
CA SER A 47 -9.32 14.91 -2.03
C SER A 47 -8.29 15.60 -1.14
N SER A 48 -7.35 14.83 -0.63
CA SER A 48 -6.31 15.37 0.25
C SER A 48 -5.19 15.99 -0.56
N GLY A 49 -4.74 15.28 -1.60
CA GLY A 49 -3.68 15.79 -2.44
C GLY A 49 -2.84 14.67 -3.04
N GLY A 1 8.56 -13.42 -21.67
CA GLY A 1 7.61 -14.00 -22.61
C GLY A 1 6.18 -13.60 -22.29
N SER A 2 5.82 -13.65 -21.01
CA SER A 2 4.47 -13.30 -20.57
C SER A 2 4.52 -12.42 -19.33
N SER A 3 3.51 -11.56 -19.19
CA SER A 3 3.43 -10.66 -18.05
C SER A 3 2.57 -11.26 -16.93
N GLY A 4 3.04 -11.16 -15.70
CA GLY A 4 2.30 -11.69 -14.58
C GLY A 4 1.88 -10.62 -13.60
N SER A 5 1.23 -11.02 -12.51
CA SER A 5 0.76 -10.08 -11.50
C SER A 5 1.90 -9.66 -10.58
N SER A 6 2.00 -8.35 -10.33
CA SER A 6 3.04 -7.82 -9.46
C SER A 6 2.52 -7.61 -8.04
N GLY A 7 3.42 -7.24 -7.13
CA GLY A 7 3.03 -7.01 -5.76
C GLY A 7 3.89 -7.79 -4.78
N SER A 8 5.20 -7.56 -4.82
CA SER A 8 6.13 -8.26 -3.93
C SER A 8 6.93 -7.27 -3.10
N LEU A 9 7.07 -7.55 -1.82
CA LEU A 9 7.82 -6.68 -0.92
C LEU A 9 9.23 -6.43 -1.45
N MET A 10 9.55 -5.15 -1.66
CA MET A 10 10.86 -4.77 -2.16
C MET A 10 11.84 -4.53 -1.02
N ASP A 11 13.09 -4.23 -1.36
CA ASP A 11 14.12 -3.98 -0.36
C ASP A 11 14.03 -2.55 0.16
N VAL A 12 12.92 -1.88 -0.13
CA VAL A 12 12.72 -0.51 0.31
C VAL A 12 11.65 -0.43 1.39
N LYS A 13 11.98 0.21 2.50
CA LYS A 13 11.05 0.35 3.62
C LYS A 13 9.82 1.15 3.20
N CYS A 14 8.70 0.91 3.87
CA CYS A 14 7.46 1.61 3.57
C CYS A 14 7.67 3.13 3.59
N GLU A 15 6.98 3.82 2.69
CA GLU A 15 7.09 5.27 2.60
C GLU A 15 7.26 5.89 3.98
N THR A 16 6.28 5.67 4.85
CA THR A 16 6.31 6.21 6.20
C THR A 16 7.57 5.75 6.94
N PRO A 17 8.35 6.73 7.43
CA PRO A 17 9.59 6.45 8.16
C PRO A 17 9.32 5.83 9.54
N ASN A 18 8.06 5.61 9.84
CA ASN A 18 7.67 5.02 11.12
C ASN A 18 7.18 3.59 10.93
N CYS A 19 6.70 3.29 9.74
CA CYS A 19 6.21 1.95 9.43
C CYS A 19 7.36 0.95 9.30
N PRO A 20 7.44 0.01 10.25
CA PRO A 20 8.49 -1.02 10.27
C PRO A 20 8.33 -2.02 9.14
N PHE A 21 7.30 -1.82 8.31
CA PHE A 21 7.04 -2.72 7.19
C PHE A 21 7.52 -2.11 5.88
N PHE A 22 7.84 -2.97 4.92
CA PHE A 22 8.33 -2.51 3.62
C PHE A 22 7.16 -2.30 2.65
N MET A 23 7.41 -1.53 1.60
CA MET A 23 6.38 -1.24 0.60
C MET A 23 6.47 -2.23 -0.56
N SER A 24 5.33 -2.85 -0.90
CA SER A 24 5.29 -3.81 -1.98
C SER A 24 5.39 -3.12 -3.33
N VAL A 25 5.43 -3.90 -4.40
CA VAL A 25 5.53 -3.36 -5.75
C VAL A 25 4.19 -2.81 -6.22
N ASN A 26 3.11 -3.31 -5.63
CA ASN A 26 1.76 -2.86 -5.98
C ASN A 26 1.18 -1.97 -4.88
N THR A 27 1.94 -1.78 -3.82
CA THR A 27 1.50 -0.97 -2.69
C THR A 27 2.33 0.31 -2.58
N GLN A 28 3.52 0.30 -3.19
CA GLN A 28 4.40 1.45 -3.15
C GLN A 28 3.68 2.71 -3.62
N PRO A 29 4.12 3.87 -3.11
CA PRO A 29 5.23 3.95 -2.17
C PRO A 29 4.87 3.37 -0.80
N LEU A 30 3.57 3.29 -0.51
CA LEU A 30 3.10 2.77 0.75
C LEU A 30 3.17 1.24 0.78
N CYS A 31 2.90 0.65 1.93
CA CYS A 31 2.92 -0.80 2.08
C CYS A 31 1.51 -1.36 2.13
N HIS A 32 1.41 -2.69 2.22
CA HIS A 32 0.12 -3.36 2.28
C HIS A 32 -0.76 -2.75 3.38
N GLU A 33 -0.22 -2.68 4.59
CA GLU A 33 -0.95 -2.13 5.73
C GLU A 33 -1.46 -0.73 5.41
N CYS A 34 -0.53 0.22 5.27
CA CYS A 34 -0.89 1.60 4.97
C CYS A 34 -1.76 1.67 3.71
N SER A 35 -1.19 1.26 2.58
CA SER A 35 -1.91 1.29 1.31
C SER A 35 -3.36 0.84 1.50
N GLU A 36 -3.56 -0.18 2.33
CA GLU A 36 -4.89 -0.71 2.60
C GLU A 36 -5.63 0.18 3.59
N ARG A 37 -4.89 0.79 4.51
CA ARG A 37 -5.48 1.66 5.52
C ARG A 37 -6.04 2.92 4.88
N ARG A 38 -5.31 3.47 3.92
CA ARG A 38 -5.73 4.68 3.22
C ARG A 38 -7.09 4.48 2.55
N GLN A 39 -7.27 3.30 1.95
CA GLN A 39 -8.52 2.98 1.26
C GLN A 39 -9.60 2.59 2.27
N LYS A 40 -9.22 1.79 3.25
CA LYS A 40 -10.16 1.34 4.28
C LYS A 40 -10.87 2.52 4.93
N ASN A 41 -10.11 3.58 5.23
CA ASN A 41 -10.66 4.77 5.85
C ASN A 41 -10.99 5.83 4.80
N GLN A 42 -11.59 6.92 5.24
CA GLN A 42 -11.94 8.02 4.33
C GLN A 42 -10.71 8.81 3.91
N ASN A 43 -10.57 9.02 2.61
CA ASN A 43 -9.42 9.76 2.08
C ASN A 43 -9.68 11.27 2.16
N SER A 44 -10.70 11.73 1.44
CA SER A 44 -11.03 13.15 1.43
C SER A 44 -11.67 13.57 2.74
N GLY A 45 -12.76 12.89 3.11
CA GLY A 45 -13.45 13.20 4.35
C GLY A 45 -14.95 13.37 4.14
N PRO A 46 -15.73 13.06 5.19
CA PRO A 46 -17.19 13.18 5.15
C PRO A 46 -17.65 14.63 5.12
N SER A 47 -18.25 15.04 4.00
CA SER A 47 -18.73 16.41 3.85
C SER A 47 -20.22 16.48 4.14
N SER A 48 -20.65 17.61 4.71
CA SER A 48 -22.06 17.81 5.05
C SER A 48 -22.95 17.41 3.88
N GLY A 49 -22.60 17.87 2.69
CA GLY A 49 -23.38 17.55 1.51
C GLY A 49 -24.74 18.22 1.52
N GLY A 1 -13.99 -8.58 -15.35
CA GLY A 1 -12.79 -8.51 -16.17
C GLY A 1 -11.70 -7.67 -15.51
N SER A 2 -10.81 -8.33 -14.77
CA SER A 2 -9.72 -7.65 -14.10
C SER A 2 -8.41 -8.40 -14.27
N SER A 3 -7.30 -7.71 -14.04
CA SER A 3 -5.98 -8.32 -14.18
C SER A 3 -5.84 -9.52 -13.25
N GLY A 4 -4.71 -10.21 -13.35
CA GLY A 4 -4.47 -11.38 -12.53
C GLY A 4 -3.04 -11.48 -12.06
N SER A 5 -2.58 -10.45 -11.35
CA SER A 5 -1.20 -10.43 -10.85
C SER A 5 -1.18 -10.10 -9.36
N SER A 6 -0.04 -10.36 -8.72
CA SER A 6 0.11 -10.10 -7.29
C SER A 6 1.26 -9.12 -7.05
N GLY A 7 1.45 -8.75 -5.78
CA GLY A 7 2.51 -7.83 -5.43
C GLY A 7 3.66 -8.51 -4.72
N SER A 8 4.80 -7.82 -4.64
CA SER A 8 5.98 -8.37 -3.99
C SER A 8 6.61 -7.34 -3.06
N LEU A 9 7.13 -7.82 -1.93
CA LEU A 9 7.76 -6.93 -0.95
C LEU A 9 9.12 -6.44 -1.46
N MET A 10 9.20 -5.14 -1.72
CA MET A 10 10.44 -4.55 -2.20
C MET A 10 11.50 -4.50 -1.10
N ASP A 11 12.71 -4.11 -1.47
CA ASP A 11 13.80 -4.03 -0.51
C ASP A 11 13.88 -2.62 0.10
N VAL A 12 12.81 -1.86 -0.05
CA VAL A 12 12.74 -0.51 0.48
C VAL A 12 11.66 -0.38 1.54
N LYS A 13 12.00 0.27 2.65
CA LYS A 13 11.06 0.47 3.76
C LYS A 13 9.85 1.29 3.29
N CYS A 14 8.71 1.06 3.93
CA CYS A 14 7.48 1.77 3.58
C CYS A 14 7.70 3.28 3.66
N GLU A 15 7.18 3.99 2.66
CA GLU A 15 7.32 5.44 2.61
C GLU A 15 7.29 6.04 4.01
N THR A 16 6.22 5.76 4.75
CA THR A 16 6.08 6.27 6.11
C THR A 16 7.31 5.95 6.95
N PRO A 17 7.92 7.00 7.53
CA PRO A 17 9.11 6.87 8.37
C PRO A 17 8.81 6.18 9.69
N ASN A 18 7.53 5.96 9.96
CA ASN A 18 7.10 5.31 11.20
C ASN A 18 6.65 3.88 10.94
N CYS A 19 6.61 3.49 9.66
CA CYS A 19 6.20 2.15 9.28
C CYS A 19 7.41 1.27 9.00
N PRO A 20 7.71 0.35 9.93
CA PRO A 20 8.84 -0.57 9.80
C PRO A 20 8.61 -1.61 8.70
N PHE A 21 7.39 -1.67 8.18
CA PHE A 21 7.05 -2.63 7.13
C PHE A 21 7.54 -2.12 5.77
N PHE A 22 7.92 -3.05 4.90
CA PHE A 22 8.40 -2.70 3.58
C PHE A 22 7.23 -2.44 2.63
N MET A 23 7.49 -1.63 1.61
CA MET A 23 6.45 -1.29 0.63
C MET A 23 6.54 -2.22 -0.58
N SER A 24 5.45 -2.93 -0.85
CA SER A 24 5.40 -3.84 -1.98
C SER A 24 5.38 -3.09 -3.31
N VAL A 25 5.37 -3.84 -4.41
CA VAL A 25 5.35 -3.24 -5.74
C VAL A 25 3.97 -2.71 -6.08
N ASN A 26 2.95 -3.30 -5.46
CA ASN A 26 1.57 -2.88 -5.71
C ASN A 26 1.06 -2.00 -4.57
N THR A 27 1.93 -1.72 -3.60
CA THR A 27 1.56 -0.89 -2.47
C THR A 27 2.39 0.39 -2.43
N GLN A 28 3.58 0.33 -3.03
CA GLN A 28 4.46 1.48 -3.06
C GLN A 28 3.73 2.72 -3.60
N PRO A 29 4.18 3.90 -3.16
CA PRO A 29 5.29 4.04 -2.22
C PRO A 29 4.94 3.54 -0.82
N LEU A 30 3.68 3.19 -0.62
CA LEU A 30 3.20 2.70 0.67
C LEU A 30 3.30 1.18 0.74
N CYS A 31 2.93 0.63 1.89
CA CYS A 31 2.97 -0.82 2.08
C CYS A 31 1.56 -1.40 2.12
N HIS A 32 1.47 -2.73 2.25
CA HIS A 32 0.18 -3.40 2.29
C HIS A 32 -0.70 -2.81 3.38
N GLU A 33 -0.12 -2.56 4.54
CA GLU A 33 -0.87 -2.00 5.66
C GLU A 33 -1.42 -0.62 5.31
N CYS A 34 -0.52 0.34 5.14
CA CYS A 34 -0.92 1.71 4.81
C CYS A 34 -1.80 1.72 3.55
N SER A 35 -1.29 1.15 2.47
CA SER A 35 -2.03 1.10 1.22
C SER A 35 -3.43 0.54 1.44
N GLU A 36 -3.57 -0.35 2.41
CA GLU A 36 -4.85 -0.96 2.72
C GLU A 36 -5.73 0.00 3.53
N ARG A 37 -5.21 0.45 4.67
CA ARG A 37 -5.95 1.36 5.53
C ARG A 37 -6.36 2.62 4.76
N ARG A 38 -5.52 3.04 3.82
CA ARG A 38 -5.80 4.22 3.02
C ARG A 38 -6.96 3.97 2.06
N GLN A 39 -6.88 2.88 1.31
CA GLN A 39 -7.93 2.52 0.36
C GLN A 39 -9.31 2.78 0.95
N LYS A 40 -9.51 2.34 2.19
CA LYS A 40 -10.79 2.53 2.87
C LYS A 40 -11.41 3.87 2.52
N ASN A 41 -10.59 4.92 2.54
CA ASN A 41 -11.05 6.26 2.23
C ASN A 41 -11.98 6.24 1.02
N GLN A 42 -11.56 5.54 -0.02
CA GLN A 42 -12.35 5.44 -1.24
C GLN A 42 -12.53 6.81 -1.90
N ASN A 43 -11.44 7.58 -1.96
CA ASN A 43 -11.47 8.90 -2.55
C ASN A 43 -12.04 8.86 -3.97
N SER A 44 -11.53 7.93 -4.77
CA SER A 44 -11.98 7.78 -6.15
C SER A 44 -12.18 6.30 -6.50
N GLY A 45 -13.35 5.98 -7.04
CA GLY A 45 -13.64 4.61 -7.40
C GLY A 45 -12.73 4.11 -8.51
N PRO A 46 -12.87 4.69 -9.72
CA PRO A 46 -12.08 4.30 -10.88
C PRO A 46 -10.62 4.72 -10.74
N SER A 47 -9.80 3.85 -10.15
CA SER A 47 -8.39 4.13 -9.94
C SER A 47 -7.57 3.60 -11.11
N SER A 48 -7.73 2.31 -11.41
CA SER A 48 -7.00 1.68 -12.50
C SER A 48 -7.94 0.91 -13.41
N GLY A 49 -7.88 1.20 -14.71
CA GLY A 49 -8.73 0.52 -15.66
C GLY A 49 -8.57 -0.99 -15.62
N GLY A 1 -2.74 -24.73 1.33
CA GLY A 1 -2.29 -23.79 0.34
C GLY A 1 -2.82 -22.39 0.57
N SER A 2 -2.45 -21.45 -0.29
CA SER A 2 -2.89 -20.07 -0.17
C SER A 2 -2.82 -19.36 -1.52
N SER A 3 -3.75 -18.44 -1.74
CA SER A 3 -3.81 -17.68 -2.98
C SER A 3 -3.57 -16.20 -2.73
N GLY A 4 -2.62 -15.63 -3.47
CA GLY A 4 -2.31 -14.22 -3.31
C GLY A 4 -1.81 -13.59 -4.59
N SER A 5 -0.51 -13.62 -4.80
CA SER A 5 0.10 -13.04 -6.00
C SER A 5 -0.32 -11.59 -6.16
N SER A 6 -0.34 -10.84 -5.06
CA SER A 6 -0.74 -9.44 -5.08
C SER A 6 0.47 -8.55 -5.35
N GLY A 7 1.48 -8.64 -4.49
CA GLY A 7 2.67 -7.84 -4.65
C GLY A 7 3.86 -8.41 -3.90
N SER A 8 5.06 -7.99 -4.30
CA SER A 8 6.28 -8.47 -3.66
C SER A 8 6.95 -7.36 -2.86
N LEU A 9 7.14 -7.60 -1.57
CA LEU A 9 7.77 -6.62 -0.70
C LEU A 9 9.17 -6.26 -1.19
N MET A 10 9.32 -5.04 -1.69
CA MET A 10 10.60 -4.57 -2.20
C MET A 10 11.64 -4.49 -1.08
N ASP A 11 12.87 -4.19 -1.44
CA ASP A 11 13.95 -4.09 -0.47
C ASP A 11 13.96 -2.71 0.18
N VAL A 12 12.94 -1.90 -0.13
CA VAL A 12 12.84 -0.56 0.43
C VAL A 12 11.75 -0.50 1.49
N LYS A 13 12.05 0.17 2.60
CA LYS A 13 11.10 0.31 3.70
C LYS A 13 9.89 1.13 3.26
N CYS A 14 8.75 0.88 3.89
CA CYS A 14 7.52 1.59 3.58
C CYS A 14 7.73 3.10 3.63
N GLU A 15 7.13 3.81 2.68
CA GLU A 15 7.26 5.26 2.61
C GLU A 15 7.37 5.86 4.01
N THR A 16 6.31 5.72 4.80
CA THR A 16 6.29 6.24 6.17
C THR A 16 7.51 5.77 6.95
N PRO A 17 8.27 6.73 7.49
CA PRO A 17 9.47 6.44 8.27
C PRO A 17 9.14 5.82 9.63
N ASN A 18 7.85 5.65 9.89
CA ASN A 18 7.40 5.07 11.15
C ASN A 18 6.93 3.63 10.95
N CYS A 19 6.56 3.30 9.72
CA CYS A 19 6.09 1.96 9.39
C CYS A 19 7.26 0.98 9.29
N PRO A 20 7.33 0.05 10.25
CA PRO A 20 8.39 -0.96 10.29
C PRO A 20 8.27 -1.98 9.17
N PHE A 21 7.29 -1.78 8.29
CA PHE A 21 7.06 -2.68 7.17
C PHE A 21 7.56 -2.06 5.86
N PHE A 22 7.87 -2.90 4.89
CA PHE A 22 8.36 -2.45 3.60
C PHE A 22 7.21 -2.23 2.62
N MET A 23 7.46 -1.45 1.58
CA MET A 23 6.44 -1.16 0.57
C MET A 23 6.52 -2.16 -0.58
N SER A 24 5.40 -2.79 -0.89
CA SER A 24 5.34 -3.77 -1.97
C SER A 24 5.41 -3.09 -3.33
N VAL A 25 5.39 -3.90 -4.38
CA VAL A 25 5.45 -3.37 -5.75
C VAL A 25 4.10 -2.83 -6.18
N ASN A 26 3.03 -3.28 -5.51
CA ASN A 26 1.68 -2.84 -5.83
C ASN A 26 1.14 -1.92 -4.75
N THR A 27 1.90 -1.77 -3.66
CA THR A 27 1.49 -0.91 -2.56
C THR A 27 2.33 0.36 -2.51
N GLN A 28 3.49 0.33 -3.16
CA GLN A 28 4.38 1.48 -3.19
C GLN A 28 3.63 2.74 -3.65
N PRO A 29 4.09 3.90 -3.18
CA PRO A 29 5.24 4.00 -2.29
C PRO A 29 4.95 3.45 -0.90
N LEU A 30 3.66 3.27 -0.60
CA LEU A 30 3.24 2.75 0.70
C LEU A 30 3.28 1.22 0.71
N CYS A 31 2.97 0.64 1.87
CA CYS A 31 2.97 -0.81 2.01
C CYS A 31 1.54 -1.35 2.07
N HIS A 32 1.41 -2.67 2.15
CA HIS A 32 0.10 -3.31 2.21
C HIS A 32 -0.73 -2.74 3.36
N GLU A 33 -0.14 -2.70 4.55
CA GLU A 33 -0.83 -2.18 5.72
C GLU A 33 -1.38 -0.78 5.45
N CYS A 34 -0.50 0.14 5.11
CA CYS A 34 -0.90 1.52 4.83
C CYS A 34 -1.84 1.57 3.62
N SER A 35 -1.34 1.19 2.46
CA SER A 35 -2.13 1.21 1.24
C SER A 35 -3.55 0.76 1.52
N GLU A 36 -3.69 -0.29 2.32
CA GLU A 36 -5.01 -0.82 2.68
C GLU A 36 -5.68 0.05 3.73
N ARG A 37 -4.90 0.51 4.70
CA ARG A 37 -5.43 1.35 5.77
C ARG A 37 -6.10 2.59 5.20
N ARG A 38 -5.42 3.24 4.25
CA ARG A 38 -5.94 4.45 3.63
C ARG A 38 -7.13 4.12 2.72
N GLN A 39 -6.99 3.07 1.93
CA GLN A 39 -8.04 2.65 1.01
C GLN A 39 -9.40 2.69 1.69
N LYS A 40 -9.50 2.02 2.84
CA LYS A 40 -10.75 1.98 3.59
C LYS A 40 -11.31 3.39 3.79
N ASN A 41 -10.48 4.28 4.31
CA ASN A 41 -10.89 5.67 4.55
C ASN A 41 -11.12 6.40 3.23
N GLN A 42 -12.28 7.03 3.11
CA GLN A 42 -12.62 7.77 1.90
C GLN A 42 -11.62 8.89 1.64
N ASN A 43 -11.36 9.16 0.36
CA ASN A 43 -10.41 10.20 -0.01
C ASN A 43 -10.54 10.54 -1.50
N SER A 44 -9.95 11.67 -1.90
CA SER A 44 -10.01 12.11 -3.29
C SER A 44 -9.47 11.03 -4.22
N GLY A 45 -10.29 10.64 -5.19
CA GLY A 45 -9.89 9.62 -6.14
C GLY A 45 -11.06 8.85 -6.70
N PRO A 46 -10.81 7.62 -7.18
CA PRO A 46 -11.84 6.75 -7.75
C PRO A 46 -12.82 6.24 -6.70
N SER A 47 -13.98 6.90 -6.61
CA SER A 47 -15.00 6.51 -5.64
C SER A 47 -15.85 5.37 -6.18
N SER A 48 -15.40 4.76 -7.27
CA SER A 48 -16.12 3.65 -7.89
C SER A 48 -15.22 2.43 -8.02
N GLY A 49 -15.63 1.34 -7.38
CA GLY A 49 -14.85 0.11 -7.43
C GLY A 49 -14.50 -0.42 -6.05
N GLY A 1 0.81 -17.52 -19.07
CA GLY A 1 0.25 -17.57 -17.73
C GLY A 1 1.22 -17.07 -16.68
N SER A 2 0.68 -16.49 -15.62
CA SER A 2 1.51 -15.96 -14.54
C SER A 2 1.00 -16.42 -13.18
N SER A 3 1.91 -16.92 -12.35
CA SER A 3 1.56 -17.41 -11.03
C SER A 3 0.65 -16.42 -10.30
N GLY A 4 1.13 -15.19 -10.16
CA GLY A 4 0.35 -14.16 -9.50
C GLY A 4 1.14 -13.44 -8.43
N SER A 5 1.98 -12.49 -8.85
CA SER A 5 2.80 -11.74 -7.91
C SER A 5 1.93 -11.00 -6.89
N SER A 6 1.02 -10.18 -7.39
CA SER A 6 0.14 -9.42 -6.52
C SER A 6 0.92 -8.51 -5.58
N GLY A 7 1.97 -7.90 -6.12
CA GLY A 7 2.79 -7.00 -5.33
C GLY A 7 3.79 -7.76 -4.46
N SER A 8 5.07 -7.61 -4.77
CA SER A 8 6.12 -8.29 -4.01
C SER A 8 6.84 -7.32 -3.08
N LEU A 9 6.85 -7.63 -1.79
CA LEU A 9 7.50 -6.78 -0.79
C LEU A 9 8.95 -6.53 -1.16
N MET A 10 9.24 -5.33 -1.65
CA MET A 10 10.59 -4.96 -2.04
C MET A 10 11.46 -4.68 -0.81
N ASP A 11 12.73 -4.42 -1.04
CA ASP A 11 13.67 -4.14 0.05
C ASP A 11 13.63 -2.66 0.43
N VAL A 12 12.62 -1.96 -0.07
CA VAL A 12 12.48 -0.53 0.21
C VAL A 12 11.50 -0.30 1.36
N LYS A 13 11.98 0.37 2.41
CA LYS A 13 11.15 0.66 3.57
C LYS A 13 9.90 1.42 3.17
N CYS A 14 8.80 1.15 3.86
CA CYS A 14 7.53 1.82 3.57
C CYS A 14 7.70 3.33 3.56
N GLU A 15 7.02 3.99 2.64
CA GLU A 15 7.10 5.44 2.53
C GLU A 15 7.25 6.09 3.90
N THR A 16 6.26 5.87 4.76
CA THR A 16 6.28 6.44 6.11
C THR A 16 7.56 6.05 6.84
N PRO A 17 8.29 7.07 7.31
CA PRO A 17 9.55 6.86 8.04
C PRO A 17 9.33 6.26 9.42
N ASN A 18 8.07 6.01 9.75
CA ASN A 18 7.72 5.42 11.04
C ASN A 18 7.21 3.99 10.88
N CYS A 19 6.98 3.59 9.63
CA CYS A 19 6.50 2.25 9.34
C CYS A 19 7.67 1.30 9.05
N PRO A 20 7.91 0.37 10.00
CA PRO A 20 8.99 -0.61 9.88
C PRO A 20 8.71 -1.65 8.79
N PHE A 21 7.54 -1.53 8.15
CA PHE A 21 7.16 -2.47 7.09
C PHE A 21 7.66 -1.98 5.74
N PHE A 22 7.96 -2.92 4.85
CA PHE A 22 8.45 -2.60 3.52
C PHE A 22 7.29 -2.37 2.55
N MET A 23 7.51 -1.50 1.57
CA MET A 23 6.49 -1.21 0.57
C MET A 23 6.60 -2.16 -0.62
N SER A 24 5.49 -2.81 -0.94
CA SER A 24 5.46 -3.75 -2.07
C SER A 24 5.48 -3.02 -3.40
N VAL A 25 5.48 -3.76 -4.49
CA VAL A 25 5.50 -3.18 -5.82
C VAL A 25 4.13 -2.67 -6.22
N ASN A 26 3.10 -3.15 -5.52
CA ASN A 26 1.73 -2.73 -5.80
C ASN A 26 1.19 -1.83 -4.69
N THR A 27 1.96 -1.70 -3.62
CA THR A 27 1.57 -0.87 -2.50
C THR A 27 2.38 0.41 -2.44
N GLN A 28 3.55 0.40 -3.08
CA GLN A 28 4.43 1.56 -3.11
C GLN A 28 3.67 2.80 -3.58
N PRO A 29 4.11 3.97 -3.12
CA PRO A 29 5.26 4.09 -2.21
C PRO A 29 4.95 3.55 -0.81
N LEU A 30 3.67 3.32 -0.55
CA LEU A 30 3.23 2.81 0.75
C LEU A 30 3.32 1.29 0.79
N CYS A 31 3.05 0.71 1.95
CA CYS A 31 3.10 -0.74 2.11
C CYS A 31 1.69 -1.32 2.27
N HIS A 32 1.51 -2.56 1.82
CA HIS A 32 0.22 -3.22 1.91
C HIS A 32 -0.51 -2.82 3.18
N GLU A 33 0.19 -2.89 4.31
CA GLU A 33 -0.39 -2.52 5.60
C GLU A 33 -0.99 -1.12 5.55
N CYS A 34 -0.26 -0.20 4.94
CA CYS A 34 -0.71 1.19 4.83
C CYS A 34 -1.72 1.34 3.69
N SER A 35 -1.29 0.98 2.48
CA SER A 35 -2.15 1.07 1.31
C SER A 35 -3.61 0.82 1.68
N GLU A 36 -3.86 -0.30 2.34
CA GLU A 36 -5.21 -0.65 2.74
C GLU A 36 -5.85 0.47 3.56
N ARG A 37 -5.08 1.00 4.51
CA ARG A 37 -5.56 2.07 5.37
C ARG A 37 -6.02 3.27 4.54
N ARG A 38 -5.18 3.69 3.60
CA ARG A 38 -5.50 4.82 2.74
C ARG A 38 -6.62 4.47 1.78
N GLN A 39 -6.71 3.20 1.41
CA GLN A 39 -7.75 2.74 0.49
C GLN A 39 -9.10 2.67 1.20
N LYS A 40 -9.22 1.75 2.15
CA LYS A 40 -10.46 1.58 2.91
C LYS A 40 -11.13 2.93 3.17
N ASN A 41 -10.33 3.93 3.50
CA ASN A 41 -10.84 5.27 3.77
C ASN A 41 -12.00 5.60 2.84
N GLN A 42 -11.71 5.63 1.54
CA GLN A 42 -12.73 5.92 0.54
C GLN A 42 -13.87 4.92 0.60
N ASN A 43 -15.10 5.41 0.66
CA ASN A 43 -16.27 4.56 0.72
C ASN A 43 -17.00 4.53 -0.62
N SER A 44 -16.84 3.43 -1.36
CA SER A 44 -17.47 3.28 -2.67
C SER A 44 -18.48 2.13 -2.66
N GLY A 45 -19.34 2.10 -3.66
CA GLY A 45 -20.34 1.05 -3.74
C GLY A 45 -19.79 -0.30 -3.35
N PRO A 46 -20.60 -1.08 -2.59
CA PRO A 46 -20.20 -2.41 -2.13
C PRO A 46 -20.13 -3.42 -3.26
N SER A 47 -18.97 -4.06 -3.41
CA SER A 47 -18.78 -5.05 -4.47
C SER A 47 -18.60 -6.44 -3.87
N SER A 48 -19.62 -7.27 -4.01
CA SER A 48 -19.58 -8.64 -3.48
C SER A 48 -18.47 -9.44 -4.16
N GLY A 49 -17.96 -10.44 -3.44
CA GLY A 49 -16.90 -11.27 -3.98
C GLY A 49 -15.53 -10.87 -3.46
N GLY A 1 -10.28 -13.05 -17.10
CA GLY A 1 -9.15 -13.13 -16.20
C GLY A 1 -8.87 -11.81 -15.51
N SER A 2 -8.28 -11.88 -14.32
CA SER A 2 -7.96 -10.68 -13.56
C SER A 2 -6.45 -10.47 -13.47
N SER A 3 -6.02 -9.22 -13.51
CA SER A 3 -4.60 -8.89 -13.45
C SER A 3 -3.90 -9.76 -12.42
N GLY A 4 -4.40 -9.75 -11.19
CA GLY A 4 -3.79 -10.55 -10.12
C GLY A 4 -3.59 -9.75 -8.85
N SER A 5 -3.20 -8.50 -9.00
CA SER A 5 -2.96 -7.63 -7.84
C SER A 5 -1.94 -8.25 -6.89
N SER A 6 -0.92 -8.87 -7.48
CA SER A 6 0.14 -9.51 -6.68
C SER A 6 1.38 -8.63 -6.62
N GLY A 7 1.76 -8.23 -5.40
CA GLY A 7 2.93 -7.39 -5.23
C GLY A 7 4.05 -8.12 -4.52
N SER A 8 5.28 -7.64 -4.73
CA SER A 8 6.46 -8.25 -4.13
C SER A 8 7.16 -7.26 -3.20
N LEU A 9 7.29 -7.64 -1.93
CA LEU A 9 7.94 -6.79 -0.95
C LEU A 9 9.36 -6.42 -1.39
N MET A 10 9.54 -5.17 -1.78
CA MET A 10 10.85 -4.70 -2.22
C MET A 10 11.80 -4.53 -1.05
N ASP A 11 13.04 -4.14 -1.34
CA ASP A 11 14.04 -3.95 -0.30
C ASP A 11 14.00 -2.52 0.25
N VAL A 12 12.93 -1.80 -0.09
CA VAL A 12 12.76 -0.42 0.36
C VAL A 12 11.67 -0.32 1.42
N LYS A 13 12.01 0.28 2.56
CA LYS A 13 11.06 0.44 3.65
C LYS A 13 9.83 1.23 3.20
N CYS A 14 8.70 0.99 3.84
CA CYS A 14 7.46 1.67 3.50
C CYS A 14 7.64 3.19 3.54
N GLU A 15 6.97 3.89 2.64
CA GLU A 15 7.06 5.34 2.57
C GLU A 15 7.16 5.94 3.97
N THR A 16 6.14 5.70 4.79
CA THR A 16 6.11 6.22 6.15
C THR A 16 7.39 5.85 6.91
N PRO A 17 8.08 6.86 7.43
CA PRO A 17 9.33 6.66 8.18
C PRO A 17 9.08 6.01 9.54
N ASN A 18 7.81 5.75 9.85
CA ASN A 18 7.45 5.13 11.11
C ASN A 18 6.96 3.71 10.89
N CYS A 19 6.82 3.32 9.63
CA CYS A 19 6.35 1.98 9.27
C CYS A 19 7.53 1.04 9.04
N PRO A 20 7.71 0.07 9.96
CA PRO A 20 8.79 -0.91 9.86
C PRO A 20 8.59 -1.89 8.71
N PHE A 21 7.36 -1.94 8.19
CA PHE A 21 7.05 -2.84 7.09
C PHE A 21 7.50 -2.25 5.76
N PHE A 22 7.89 -3.13 4.84
CA PHE A 22 8.35 -2.70 3.52
C PHE A 22 7.17 -2.46 2.58
N MET A 23 7.42 -1.70 1.52
CA MET A 23 6.38 -1.38 0.54
C MET A 23 6.51 -2.26 -0.70
N SER A 24 5.46 -3.01 -1.00
CA SER A 24 5.45 -3.89 -2.16
C SER A 24 5.42 -3.10 -3.46
N VAL A 25 5.45 -3.80 -4.58
CA VAL A 25 5.42 -3.17 -5.88
C VAL A 25 4.02 -2.68 -6.23
N ASN A 26 3.02 -3.26 -5.58
CA ASN A 26 1.63 -2.88 -5.81
C ASN A 26 1.11 -2.01 -4.68
N THR A 27 1.93 -1.83 -3.64
CA THR A 27 1.54 -1.02 -2.49
C THR A 27 2.34 0.27 -2.44
N GLN A 28 3.53 0.25 -3.04
CA GLN A 28 4.40 1.42 -3.05
C GLN A 28 3.64 2.65 -3.55
N PRO A 29 4.07 3.84 -3.09
CA PRO A 29 5.19 3.97 -2.16
C PRO A 29 4.85 3.44 -0.77
N LEU A 30 3.56 3.19 -0.53
CA LEU A 30 3.11 2.68 0.76
C LEU A 30 3.20 1.16 0.80
N CYS A 31 2.90 0.58 1.96
CA CYS A 31 2.94 -0.86 2.13
C CYS A 31 1.53 -1.44 2.15
N HIS A 32 1.43 -2.77 2.28
CA HIS A 32 0.14 -3.45 2.31
C HIS A 32 -0.75 -2.86 3.40
N GLU A 33 -0.18 -2.67 4.59
CA GLU A 33 -0.93 -2.12 5.71
C GLU A 33 -1.42 -0.71 5.40
N CYS A 34 -0.49 0.23 5.32
CA CYS A 34 -0.82 1.62 5.03
C CYS A 34 -1.68 1.72 3.77
N SER A 35 -1.19 1.13 2.69
CA SER A 35 -1.91 1.15 1.42
C SER A 35 -3.42 1.08 1.64
N GLU A 36 -3.87 -0.07 2.13
CA GLU A 36 -5.29 -0.28 2.39
C GLU A 36 -5.78 0.65 3.50
N ARG A 37 -4.98 0.79 4.55
CA ARG A 37 -5.32 1.64 5.67
C ARG A 37 -5.94 2.95 5.19
N ARG A 38 -5.32 3.57 4.19
CA ARG A 38 -5.81 4.82 3.65
C ARG A 38 -7.18 4.64 3.01
N GLN A 39 -7.26 3.77 2.01
CA GLN A 39 -8.52 3.50 1.32
C GLN A 39 -9.67 3.38 2.32
N LYS A 40 -9.42 2.65 3.40
CA LYS A 40 -10.43 2.45 4.44
C LYS A 40 -11.13 3.77 4.78
N ASN A 41 -10.35 4.81 5.02
CA ASN A 41 -10.90 6.11 5.35
C ASN A 41 -11.78 6.64 4.23
N GLN A 42 -12.54 7.70 4.51
CA GLN A 42 -13.43 8.28 3.52
C GLN A 42 -12.63 8.88 2.36
N ASN A 43 -13.36 9.36 1.35
CA ASN A 43 -12.72 9.95 0.18
C ASN A 43 -13.53 11.13 -0.34
N SER A 44 -12.85 12.07 -1.00
CA SER A 44 -13.49 13.25 -1.54
C SER A 44 -14.11 14.08 -0.42
N GLY A 45 -13.37 14.25 0.67
CA GLY A 45 -13.85 15.03 1.79
C GLY A 45 -13.06 16.30 2.01
N PRO A 46 -12.25 16.32 3.07
CA PRO A 46 -11.40 17.48 3.41
C PRO A 46 -10.27 17.69 2.41
N SER A 47 -9.54 16.62 2.12
CA SER A 47 -8.43 16.68 1.18
C SER A 47 -8.84 16.17 -0.20
N SER A 48 -8.55 16.94 -1.23
CA SER A 48 -8.90 16.56 -2.60
C SER A 48 -7.73 15.84 -3.28
N GLY A 49 -7.86 14.53 -3.43
CA GLY A 49 -6.81 13.75 -4.06
C GLY A 49 -6.91 12.27 -3.72
N GLY A 1 7.48 -21.03 -0.43
CA GLY A 1 6.46 -21.82 -1.12
C GLY A 1 6.45 -21.56 -2.62
N SER A 2 5.68 -20.56 -3.04
CA SER A 2 5.58 -20.21 -4.45
C SER A 2 6.33 -18.92 -4.75
N SER A 3 7.08 -18.92 -5.85
CA SER A 3 7.86 -17.76 -6.25
C SER A 3 6.97 -16.52 -6.36
N GLY A 4 7.54 -15.36 -6.08
CA GLY A 4 6.79 -14.12 -6.16
C GLY A 4 7.23 -13.25 -7.32
N SER A 5 6.47 -13.29 -8.41
CA SER A 5 6.79 -12.50 -9.59
C SER A 5 6.03 -11.17 -9.58
N SER A 6 4.72 -11.26 -9.50
CA SER A 6 3.87 -10.06 -9.47
C SER A 6 3.45 -9.72 -8.04
N GLY A 7 3.43 -8.42 -7.74
CA GLY A 7 3.04 -7.99 -6.41
C GLY A 7 3.97 -8.51 -5.33
N SER A 8 5.27 -8.30 -5.52
CA SER A 8 6.26 -8.76 -4.56
C SER A 8 6.71 -7.62 -3.65
N LEU A 9 7.31 -7.97 -2.52
CA LEU A 9 7.79 -6.98 -1.56
C LEU A 9 9.17 -6.46 -1.96
N MET A 10 9.42 -5.19 -1.71
CA MET A 10 10.70 -4.58 -2.04
C MET A 10 11.58 -4.46 -0.79
N ASP A 11 12.88 -4.31 -1.01
CA ASP A 11 13.83 -4.18 0.10
C ASP A 11 13.87 -2.74 0.61
N VAL A 12 12.84 -1.97 0.28
CA VAL A 12 12.77 -0.58 0.71
C VAL A 12 11.68 -0.40 1.76
N LYS A 13 12.05 0.26 2.86
CA LYS A 13 11.11 0.51 3.94
C LYS A 13 9.91 1.32 3.46
N CYS A 14 8.77 1.15 4.12
CA CYS A 14 7.55 1.86 3.76
C CYS A 14 7.77 3.37 3.80
N GLU A 15 7.23 4.07 2.82
CA GLU A 15 7.36 5.52 2.74
C GLU A 15 7.38 6.14 4.13
N THR A 16 6.38 5.79 4.94
CA THR A 16 6.28 6.30 6.30
C THR A 16 7.53 5.99 7.10
N PRO A 17 8.16 7.04 7.65
CA PRO A 17 9.38 6.91 8.46
C PRO A 17 9.12 6.24 9.80
N ASN A 18 7.86 5.90 10.05
CA ASN A 18 7.47 5.25 11.30
C ASN A 18 6.97 3.84 11.05
N CYS A 19 6.71 3.52 9.78
CA CYS A 19 6.21 2.20 9.41
C CYS A 19 7.38 1.26 9.10
N PRO A 20 7.57 0.27 9.99
CA PRO A 20 8.65 -0.72 9.83
C PRO A 20 8.40 -1.67 8.66
N PHE A 21 7.22 -1.55 8.06
CA PHE A 21 6.86 -2.41 6.93
C PHE A 21 7.69 -2.04 5.69
N PHE A 22 7.55 -2.85 4.64
CA PHE A 22 8.27 -2.61 3.40
C PHE A 22 7.32 -2.24 2.27
N MET A 23 7.81 -1.49 1.30
CA MET A 23 7.00 -1.07 0.16
C MET A 23 6.77 -2.23 -0.80
N SER A 24 5.50 -2.48 -1.12
CA SER A 24 5.15 -3.57 -2.02
C SER A 24 5.08 -3.08 -3.46
N VAL A 25 5.25 -4.00 -4.41
CA VAL A 25 5.22 -3.67 -5.83
C VAL A 25 3.82 -3.27 -6.26
N ASN A 26 2.84 -3.54 -5.39
CA ASN A 26 1.44 -3.22 -5.69
C ASN A 26 0.89 -2.21 -4.69
N THR A 27 1.70 -1.90 -3.67
CA THR A 27 1.29 -0.94 -2.65
C THR A 27 2.21 0.28 -2.63
N GLN A 28 3.36 0.16 -3.30
CA GLN A 28 4.32 1.25 -3.37
C GLN A 28 3.67 2.54 -3.85
N PRO A 29 4.20 3.68 -3.41
CA PRO A 29 5.36 3.72 -2.52
C PRO A 29 5.03 3.23 -1.12
N LEU A 30 3.75 3.26 -0.77
CA LEU A 30 3.29 2.82 0.55
C LEU A 30 3.34 1.31 0.66
N CYS A 31 3.01 0.79 1.84
CA CYS A 31 3.01 -0.65 2.08
C CYS A 31 1.60 -1.15 2.32
N HIS A 32 1.39 -2.45 2.09
CA HIS A 32 0.08 -3.06 2.28
C HIS A 32 -0.60 -2.50 3.53
N GLU A 33 -0.02 -2.79 4.69
CA GLU A 33 -0.57 -2.31 5.96
C GLU A 33 -1.10 -0.88 5.82
N CYS A 34 -0.46 -0.11 4.96
CA CYS A 34 -0.86 1.27 4.73
C CYS A 34 -1.91 1.36 3.62
N SER A 35 -1.50 1.02 2.41
CA SER A 35 -2.41 1.07 1.27
C SER A 35 -3.83 0.68 1.68
N GLU A 36 -3.93 -0.23 2.64
CA GLU A 36 -5.23 -0.67 3.13
C GLU A 36 -5.91 0.40 3.96
N ARG A 37 -5.15 0.99 4.88
CA ARG A 37 -5.68 2.04 5.74
C ARG A 37 -5.96 3.32 4.94
N ARG A 38 -5.11 3.59 3.96
CA ARG A 38 -5.26 4.76 3.12
C ARG A 38 -6.56 4.69 2.31
N GLN A 39 -6.90 3.50 1.84
CA GLN A 39 -8.10 3.30 1.05
C GLN A 39 -9.34 3.31 1.95
N LYS A 40 -9.24 2.65 3.10
CA LYS A 40 -10.36 2.57 4.04
C LYS A 40 -11.06 3.92 4.14
N ASN A 41 -10.27 5.00 4.17
CA ASN A 41 -10.83 6.34 4.27
C ASN A 41 -10.83 7.03 2.91
N GLN A 42 -11.43 8.22 2.86
CA GLN A 42 -11.49 8.98 1.62
C GLN A 42 -10.95 10.39 1.81
N ASN A 43 -10.28 10.91 0.79
CA ASN A 43 -9.70 12.25 0.85
C ASN A 43 -10.38 13.18 -0.15
N SER A 44 -10.60 14.43 0.27
CA SER A 44 -11.24 15.42 -0.58
C SER A 44 -10.30 15.89 -1.67
N GLY A 45 -9.04 16.14 -1.29
CA GLY A 45 -8.05 16.60 -2.25
C GLY A 45 -7.20 15.47 -2.80
N PRO A 46 -7.43 15.10 -4.06
CA PRO A 46 -6.68 14.04 -4.72
C PRO A 46 -5.24 14.41 -4.99
N SER A 47 -4.38 13.42 -5.18
CA SER A 47 -2.97 13.64 -5.46
C SER A 47 -2.66 13.46 -6.94
N SER A 48 -1.56 14.04 -7.39
CA SER A 48 -1.15 13.93 -8.78
C SER A 48 -0.86 12.48 -9.15
N GLY A 49 -0.06 11.80 -8.33
CA GLY A 49 0.26 10.41 -8.60
C GLY A 49 -0.94 9.60 -8.99
N GLY A 1 -2.92 -15.85 -8.93
CA GLY A 1 -3.87 -16.66 -9.67
C GLY A 1 -5.03 -15.85 -10.20
N SER A 2 -6.08 -16.54 -10.63
CA SER A 2 -7.27 -15.88 -11.18
C SER A 2 -7.52 -14.56 -10.46
N SER A 3 -7.76 -14.63 -9.15
CA SER A 3 -8.02 -13.44 -8.35
C SER A 3 -6.89 -13.20 -7.36
N GLY A 4 -6.44 -11.95 -7.27
CA GLY A 4 -5.37 -11.60 -6.37
C GLY A 4 -4.50 -10.47 -6.90
N SER A 5 -3.68 -10.78 -7.88
CA SER A 5 -2.79 -9.78 -8.47
C SER A 5 -1.88 -9.17 -7.42
N SER A 6 -1.39 -10.01 -6.51
CA SER A 6 -0.51 -9.55 -5.44
C SER A 6 0.86 -9.16 -5.99
N GLY A 7 1.56 -8.30 -5.26
CA GLY A 7 2.88 -7.87 -5.69
C GLY A 7 3.99 -8.40 -4.81
N SER A 8 5.22 -8.01 -5.10
CA SER A 8 6.38 -8.46 -4.34
C SER A 8 6.82 -7.38 -3.35
N LEU A 9 7.40 -7.82 -2.23
CA LEU A 9 7.89 -6.90 -1.21
C LEU A 9 9.27 -6.37 -1.56
N MET A 10 9.36 -5.08 -1.84
CA MET A 10 10.63 -4.45 -2.18
C MET A 10 11.55 -4.40 -0.97
N ASP A 11 12.84 -4.17 -1.21
CA ASP A 11 13.82 -4.09 -0.14
C ASP A 11 13.87 -2.68 0.45
N VAL A 12 12.83 -1.91 0.20
CA VAL A 12 12.74 -0.55 0.71
C VAL A 12 11.67 -0.42 1.78
N LYS A 13 11.96 0.35 2.82
CA LYS A 13 11.02 0.56 3.92
C LYS A 13 9.82 1.36 3.46
N CYS A 14 8.71 1.23 4.18
CA CYS A 14 7.48 1.94 3.85
C CYS A 14 7.70 3.46 3.91
N GLU A 15 7.03 4.18 3.01
CA GLU A 15 7.15 5.63 2.96
C GLU A 15 7.16 6.23 4.37
N THR A 16 6.13 5.89 5.14
CA THR A 16 6.01 6.38 6.51
C THR A 16 7.29 6.13 7.30
N PRO A 17 7.83 7.21 7.89
CA PRO A 17 9.07 7.13 8.69
C PRO A 17 8.85 6.38 10.01
N ASN A 18 7.61 5.96 10.25
CA ASN A 18 7.28 5.23 11.47
C ASN A 18 6.79 3.83 11.15
N CYS A 19 6.86 3.45 9.88
CA CYS A 19 6.43 2.13 9.44
C CYS A 19 7.61 1.29 8.97
N PRO A 20 8.00 0.29 9.79
CA PRO A 20 9.11 -0.60 9.47
C PRO A 20 8.80 -1.53 8.31
N PHE A 21 7.51 -1.66 7.98
CA PHE A 21 7.07 -2.53 6.90
C PHE A 21 7.77 -2.15 5.59
N PHE A 22 7.78 -3.08 4.65
CA PHE A 22 8.42 -2.86 3.35
C PHE A 22 7.37 -2.54 2.28
N MET A 23 7.76 -1.70 1.32
CA MET A 23 6.87 -1.32 0.24
C MET A 23 6.67 -2.47 -0.74
N SER A 24 5.44 -2.63 -1.21
CA SER A 24 5.11 -3.69 -2.16
C SER A 24 4.99 -3.14 -3.58
N VAL A 25 5.16 -4.02 -4.56
CA VAL A 25 5.06 -3.62 -5.96
C VAL A 25 3.63 -3.24 -6.32
N ASN A 26 2.69 -3.54 -5.43
CA ASN A 26 1.29 -3.23 -5.66
C ASN A 26 0.77 -2.24 -4.61
N THR A 27 1.54 -2.06 -3.55
CA THR A 27 1.17 -1.14 -2.48
C THR A 27 2.06 0.09 -2.47
N GLN A 28 3.16 0.02 -3.20
CA GLN A 28 4.10 1.14 -3.28
C GLN A 28 3.40 2.40 -3.75
N PRO A 29 3.93 3.56 -3.34
CA PRO A 29 5.12 3.63 -2.49
C PRO A 29 4.85 3.14 -1.07
N LEU A 30 3.58 3.18 -0.68
CA LEU A 30 3.19 2.74 0.66
C LEU A 30 3.25 1.22 0.77
N CYS A 31 3.00 0.71 1.97
CA CYS A 31 3.03 -0.72 2.22
C CYS A 31 1.61 -1.26 2.40
N HIS A 32 1.41 -2.52 2.00
CA HIS A 32 0.10 -3.15 2.12
C HIS A 32 -0.65 -2.64 3.34
N GLU A 33 -0.02 -2.76 4.50
CA GLU A 33 -0.64 -2.31 5.76
C GLU A 33 -1.19 -0.89 5.60
N CYS A 34 -0.35 0.01 5.10
CA CYS A 34 -0.76 1.40 4.91
C CYS A 34 -1.62 1.54 3.65
N SER A 35 -1.03 1.25 2.50
CA SER A 35 -1.74 1.35 1.23
C SER A 35 -3.22 1.04 1.41
N GLU A 36 -3.51 0.07 2.28
CA GLU A 36 -4.90 -0.32 2.54
C GLU A 36 -5.48 0.49 3.70
N ARG A 37 -4.69 0.69 4.74
CA ARG A 37 -5.12 1.45 5.90
C ARG A 37 -5.69 2.80 5.49
N ARG A 38 -5.04 3.43 4.51
CA ARG A 38 -5.49 4.74 4.02
C ARG A 38 -6.87 4.64 3.38
N GLN A 39 -7.01 3.76 2.41
CA GLN A 39 -8.28 3.56 1.72
C GLN A 39 -9.44 3.61 2.70
N LYS A 40 -9.30 2.88 3.81
CA LYS A 40 -10.34 2.83 4.82
C LYS A 40 -10.79 4.24 5.20
N ASN A 41 -9.86 5.05 5.66
CA ASN A 41 -10.16 6.43 6.06
C ASN A 41 -10.15 7.35 4.86
N GLN A 42 -11.20 8.17 4.73
CA GLN A 42 -11.31 9.11 3.63
C GLN A 42 -10.55 10.39 3.91
N ASN A 43 -9.96 10.97 2.87
CA ASN A 43 -9.20 12.20 3.00
C ASN A 43 -9.01 12.89 1.65
N SER A 44 -8.65 14.16 1.68
CA SER A 44 -8.43 14.92 0.46
C SER A 44 -9.69 14.94 -0.40
N GLY A 45 -10.83 15.18 0.24
CA GLY A 45 -12.09 15.23 -0.48
C GLY A 45 -12.90 16.46 -0.16
N PRO A 46 -13.65 16.41 0.95
CA PRO A 46 -14.50 17.53 1.39
C PRO A 46 -13.67 18.72 1.88
N SER A 47 -12.35 18.59 1.79
CA SER A 47 -11.45 19.65 2.23
C SER A 47 -11.33 20.74 1.17
N SER A 48 -11.34 21.99 1.62
CA SER A 48 -11.24 23.13 0.70
C SER A 48 -9.91 23.09 -0.06
N GLY A 49 -10.00 23.15 -1.38
CA GLY A 49 -8.81 23.13 -2.21
C GLY A 49 -8.72 24.33 -3.13
N GLY A 1 4.10 -18.72 -12.24
CA GLY A 1 3.86 -17.62 -11.34
C GLY A 1 3.43 -16.35 -12.06
N SER A 2 3.01 -15.34 -11.29
CA SER A 2 2.57 -14.08 -11.87
C SER A 2 2.97 -12.91 -10.98
N SER A 3 2.78 -11.70 -11.50
CA SER A 3 3.13 -10.50 -10.75
C SER A 3 2.21 -9.34 -11.13
N GLY A 4 1.98 -8.43 -10.18
CA GLY A 4 1.12 -7.30 -10.42
C GLY A 4 0.21 -6.97 -9.24
N SER A 5 -1.06 -7.32 -9.36
CA SER A 5 -2.03 -7.06 -8.31
C SER A 5 -1.47 -7.52 -6.95
N SER A 6 -0.94 -8.73 -6.91
CA SER A 6 -0.39 -9.28 -5.68
C SER A 6 0.76 -8.42 -5.17
N GLY A 7 1.74 -8.17 -6.03
CA GLY A 7 2.88 -7.36 -5.65
C GLY A 7 3.91 -8.15 -4.88
N SER A 8 5.12 -7.58 -4.75
CA SER A 8 6.20 -8.25 -4.02
C SER A 8 6.95 -7.25 -3.16
N LEU A 9 6.98 -7.52 -1.86
CA LEU A 9 7.68 -6.64 -0.92
C LEU A 9 9.12 -6.40 -1.36
N MET A 10 9.43 -5.14 -1.65
CA MET A 10 10.78 -4.78 -2.09
C MET A 10 11.72 -4.66 -0.89
N ASP A 11 13.00 -4.43 -1.17
CA ASP A 11 14.00 -4.29 -0.11
C ASP A 11 14.03 -2.86 0.43
N VAL A 12 12.98 -2.10 0.14
CA VAL A 12 12.89 -0.72 0.59
C VAL A 12 11.87 -0.58 1.73
N LYS A 13 12.06 0.44 2.56
CA LYS A 13 11.15 0.68 3.68
C LYS A 13 9.91 1.43 3.22
N CYS A 14 8.78 1.13 3.84
CA CYS A 14 7.52 1.78 3.50
C CYS A 14 7.66 3.30 3.54
N GLU A 15 7.00 3.98 2.60
CA GLU A 15 7.05 5.43 2.53
C GLU A 15 7.13 6.04 3.92
N THR A 16 6.18 5.67 4.78
CA THR A 16 6.14 6.19 6.14
C THR A 16 7.41 5.82 6.91
N PRO A 17 8.11 6.84 7.42
CA PRO A 17 9.35 6.65 8.18
C PRO A 17 9.10 6.01 9.54
N ASN A 18 7.83 5.71 9.83
CA ASN A 18 7.47 5.10 11.10
C ASN A 18 6.95 3.67 10.89
N CYS A 19 6.75 3.31 9.63
CA CYS A 19 6.26 1.98 9.29
C CYS A 19 7.42 1.01 9.07
N PRO A 20 7.58 0.06 10.02
CA PRO A 20 8.65 -0.94 9.96
C PRO A 20 8.43 -1.95 8.82
N PHE A 21 7.33 -1.79 8.10
CA PHE A 21 7.00 -2.69 7.00
C PHE A 21 7.55 -2.15 5.68
N PHE A 22 7.85 -3.07 4.76
CA PHE A 22 8.39 -2.70 3.46
C PHE A 22 7.27 -2.45 2.45
N MET A 23 7.52 -1.55 1.51
CA MET A 23 6.54 -1.23 0.49
C MET A 23 6.54 -2.26 -0.63
N SER A 24 5.36 -2.70 -1.03
CA SER A 24 5.22 -3.70 -2.09
C SER A 24 5.32 -3.04 -3.46
N VAL A 25 5.31 -3.87 -4.51
CA VAL A 25 5.40 -3.38 -5.88
C VAL A 25 4.06 -2.83 -6.35
N ASN A 26 2.99 -3.25 -5.67
CA ASN A 26 1.64 -2.81 -6.02
C ASN A 26 1.07 -1.91 -4.94
N THR A 27 1.87 -1.65 -3.90
CA THR A 27 1.44 -0.82 -2.79
C THR A 27 2.31 0.43 -2.68
N GLN A 28 3.47 0.40 -3.33
CA GLN A 28 4.40 1.53 -3.29
C GLN A 28 3.70 2.81 -3.73
N PRO A 29 4.19 3.95 -3.21
CA PRO A 29 5.32 3.97 -2.27
C PRO A 29 4.95 3.39 -0.92
N LEU A 30 3.65 3.36 -0.61
CA LEU A 30 3.18 2.82 0.66
C LEU A 30 3.26 1.30 0.67
N CYS A 31 2.99 0.71 1.82
CA CYS A 31 3.02 -0.74 1.98
C CYS A 31 1.62 -1.32 2.05
N HIS A 32 1.53 -2.64 2.13
CA HIS A 32 0.24 -3.33 2.21
C HIS A 32 -0.60 -2.77 3.35
N GLU A 33 -0.03 -2.76 4.55
CA GLU A 33 -0.73 -2.27 5.73
C GLU A 33 -1.30 -0.87 5.46
N CYS A 34 -0.41 0.09 5.27
CA CYS A 34 -0.81 1.47 5.02
C CYS A 34 -1.80 1.54 3.86
N SER A 35 -1.38 1.05 2.69
CA SER A 35 -2.23 1.07 1.51
C SER A 35 -3.69 0.82 1.88
N GLU A 36 -3.98 -0.39 2.34
CA GLU A 36 -5.34 -0.75 2.74
C GLU A 36 -5.83 0.14 3.87
N ARG A 37 -4.95 0.42 4.83
CA ARG A 37 -5.30 1.26 5.97
C ARG A 37 -5.85 2.60 5.50
N ARG A 38 -5.32 3.09 4.38
CA ARG A 38 -5.75 4.38 3.83
C ARG A 38 -7.01 4.20 2.98
N GLN A 39 -6.86 3.53 1.84
CA GLN A 39 -7.98 3.30 0.94
C GLN A 39 -9.27 3.03 1.73
N LYS A 40 -9.15 2.24 2.79
CA LYS A 40 -10.30 1.90 3.62
C LYS A 40 -11.09 3.15 3.98
N ASN A 41 -10.40 4.18 4.43
CA ASN A 41 -11.04 5.44 4.80
C ASN A 41 -11.57 6.16 3.58
N GLN A 42 -12.42 7.16 3.80
CA GLN A 42 -13.00 7.94 2.71
C GLN A 42 -12.41 9.34 2.66
N ASN A 43 -11.69 9.65 1.59
CA ASN A 43 -11.08 10.96 1.42
C ASN A 43 -12.00 12.07 1.94
N SER A 44 -13.28 11.95 1.61
CA SER A 44 -14.26 12.94 2.03
C SER A 44 -14.58 12.79 3.52
N GLY A 45 -14.42 13.88 4.27
CA GLY A 45 -14.70 13.85 5.69
C GLY A 45 -16.10 14.36 6.02
N PRO A 46 -16.16 15.52 6.69
CA PRO A 46 -17.43 16.13 7.09
C PRO A 46 -18.22 16.66 5.89
N SER A 47 -17.61 16.57 4.71
CA SER A 47 -18.25 17.05 3.50
C SER A 47 -18.97 15.91 2.78
N SER A 48 -19.92 16.27 1.92
CA SER A 48 -20.69 15.27 1.17
C SER A 48 -20.86 15.71 -0.28
N GLY A 49 -21.09 14.74 -1.16
CA GLY A 49 -21.28 15.04 -2.57
C GLY A 49 -22.04 13.95 -3.29
N GLY A 1 -6.64 -6.20 -15.95
CA GLY A 1 -6.09 -4.88 -15.68
C GLY A 1 -5.01 -4.48 -16.65
N SER A 2 -4.80 -3.18 -16.81
CA SER A 2 -3.78 -2.67 -17.72
C SER A 2 -2.48 -3.46 -17.59
N SER A 3 -2.02 -3.63 -16.35
CA SER A 3 -0.79 -4.36 -16.09
C SER A 3 -1.05 -5.56 -15.19
N GLY A 4 -0.41 -6.68 -15.49
CA GLY A 4 -0.59 -7.88 -14.71
C GLY A 4 0.68 -8.30 -13.98
N SER A 5 0.81 -7.86 -12.73
CA SER A 5 1.98 -8.17 -11.93
C SER A 5 1.61 -8.34 -10.46
N SER A 6 1.93 -9.50 -9.90
CA SER A 6 1.62 -9.80 -8.50
C SER A 6 2.55 -9.03 -7.58
N GLY A 7 1.99 -8.08 -6.83
CA GLY A 7 2.78 -7.30 -5.90
C GLY A 7 3.83 -8.12 -5.18
N SER A 8 4.93 -7.49 -4.80
CA SER A 8 6.01 -8.17 -4.10
C SER A 8 6.73 -7.23 -3.15
N LEU A 9 6.75 -7.58 -1.87
CA LEU A 9 7.41 -6.76 -0.86
C LEU A 9 8.88 -6.54 -1.21
N MET A 10 9.19 -5.33 -1.69
CA MET A 10 10.56 -5.00 -2.06
C MET A 10 11.42 -4.75 -0.82
N ASP A 11 12.71 -4.55 -1.02
CA ASP A 11 13.63 -4.31 0.07
C ASP A 11 13.63 -2.84 0.47
N VAL A 12 12.66 -2.09 -0.05
CA VAL A 12 12.54 -0.66 0.25
C VAL A 12 11.57 -0.43 1.40
N LYS A 13 11.98 0.39 2.36
CA LYS A 13 11.15 0.70 3.51
C LYS A 13 9.90 1.47 3.09
N CYS A 14 8.81 1.27 3.84
CA CYS A 14 7.55 1.94 3.54
C CYS A 14 7.73 3.45 3.56
N GLU A 15 7.04 4.12 2.64
CA GLU A 15 7.12 5.58 2.55
C GLU A 15 7.26 6.21 3.94
N THR A 16 6.26 6.00 4.78
CA THR A 16 6.27 6.55 6.14
C THR A 16 7.56 6.18 6.86
N PRO A 17 8.28 7.20 7.35
CA PRO A 17 9.54 7.01 8.07
C PRO A 17 9.34 6.36 9.44
N ASN A 18 8.08 6.05 9.76
CA ASN A 18 7.75 5.43 11.04
C ASN A 18 7.28 4.00 10.84
N CYS A 19 6.98 3.65 9.59
CA CYS A 19 6.52 2.30 9.28
C CYS A 19 7.69 1.39 8.94
N PRO A 20 7.97 0.44 9.84
CA PRO A 20 9.06 -0.52 9.67
C PRO A 20 8.79 -1.53 8.55
N PHE A 21 7.53 -1.63 8.16
CA PHE A 21 7.14 -2.55 7.10
C PHE A 21 7.63 -2.05 5.74
N PHE A 22 7.95 -2.99 4.86
CA PHE A 22 8.44 -2.65 3.52
C PHE A 22 7.28 -2.40 2.57
N MET A 23 7.53 -1.59 1.55
CA MET A 23 6.50 -1.26 0.57
C MET A 23 6.60 -2.18 -0.64
N SER A 24 5.47 -2.78 -1.01
CA SER A 24 5.42 -3.70 -2.15
C SER A 24 5.49 -2.92 -3.47
N VAL A 25 5.50 -3.66 -4.58
CA VAL A 25 5.57 -3.05 -5.90
C VAL A 25 4.22 -2.49 -6.31
N ASN A 26 3.15 -3.03 -5.72
CA ASN A 26 1.80 -2.59 -6.03
C ASN A 26 1.22 -1.77 -4.88
N THR A 27 2.02 -1.59 -3.83
CA THR A 27 1.59 -0.83 -2.67
C THR A 27 2.39 0.46 -2.53
N GLN A 28 3.61 0.44 -3.05
CA GLN A 28 4.48 1.61 -2.98
C GLN A 28 3.77 2.86 -3.49
N PRO A 29 4.20 4.03 -3.01
CA PRO A 29 5.30 4.12 -2.04
C PRO A 29 4.92 3.59 -0.66
N LEU A 30 3.63 3.34 -0.48
CA LEU A 30 3.12 2.81 0.79
C LEU A 30 3.21 1.29 0.83
N CYS A 31 3.06 0.73 2.02
CA CYS A 31 3.11 -0.72 2.19
C CYS A 31 1.71 -1.30 2.30
N HIS A 32 1.57 -2.57 1.91
CA HIS A 32 0.28 -3.25 1.97
C HIS A 32 -0.55 -2.73 3.13
N GLU A 33 0.09 -2.60 4.30
CA GLU A 33 -0.60 -2.12 5.50
C GLU A 33 -1.13 -0.70 5.29
N CYS A 34 -0.21 0.22 4.99
CA CYS A 34 -0.57 1.61 4.76
C CYS A 34 -1.41 1.77 3.52
N SER A 35 -1.41 0.73 2.68
CA SER A 35 -2.18 0.75 1.43
C SER A 35 -3.63 0.34 1.68
N GLU A 36 -3.81 -0.73 2.44
CA GLU A 36 -5.15 -1.23 2.74
C GLU A 36 -5.90 -0.24 3.64
N ARG A 37 -5.16 0.49 4.46
CA ARG A 37 -5.76 1.46 5.37
C ARG A 37 -6.15 2.73 4.61
N ARG A 38 -5.29 3.16 3.69
CA ARG A 38 -5.56 4.36 2.91
C ARG A 38 -6.68 4.11 1.91
N GLN A 39 -6.57 3.02 1.14
CA GLN A 39 -7.57 2.68 0.15
C GLN A 39 -8.98 2.83 0.72
N LYS A 40 -9.12 2.51 2.00
CA LYS A 40 -10.42 2.61 2.67
C LYS A 40 -11.07 3.96 2.38
N ASN A 41 -10.28 5.03 2.47
CA ASN A 41 -10.79 6.38 2.23
C ASN A 41 -11.11 6.57 0.74
N GLN A 42 -12.17 7.32 0.47
CA GLN A 42 -12.58 7.59 -0.90
C GLN A 42 -11.41 8.11 -1.73
N ASN A 43 -10.63 9.00 -1.15
CA ASN A 43 -9.47 9.57 -1.83
C ASN A 43 -8.71 8.50 -2.60
N SER A 44 -8.29 7.46 -1.90
CA SER A 44 -7.55 6.37 -2.53
C SER A 44 -8.47 5.18 -2.83
N GLY A 45 -8.32 4.61 -4.01
CA GLY A 45 -9.15 3.48 -4.40
C GLY A 45 -8.92 3.07 -5.85
N PRO A 46 -9.58 1.98 -6.26
CA PRO A 46 -9.46 1.45 -7.63
C PRO A 46 -10.12 2.36 -8.65
N SER A 47 -10.65 3.49 -8.19
CA SER A 47 -11.32 4.44 -9.06
C SER A 47 -10.38 5.58 -9.45
N SER A 48 -10.13 5.71 -10.75
CA SER A 48 -9.24 6.75 -11.27
C SER A 48 -9.93 7.55 -12.38
N GLY A 49 -9.59 8.83 -12.46
CA GLY A 49 -10.17 9.68 -13.49
C GLY A 49 -9.92 11.16 -13.22
N GLY A 1 -8.45 -5.86 -9.29
CA GLY A 1 -7.85 -7.13 -8.95
C GLY A 1 -7.88 -8.12 -10.11
N SER A 2 -6.71 -8.62 -10.49
CA SER A 2 -6.60 -9.57 -11.59
C SER A 2 -6.57 -11.00 -11.07
N SER A 3 -6.97 -11.95 -11.92
CA SER A 3 -6.99 -13.35 -11.55
C SER A 3 -5.77 -13.71 -10.69
N GLY A 4 -4.59 -13.33 -11.17
CA GLY A 4 -3.37 -13.61 -10.45
C GLY A 4 -2.92 -12.44 -9.60
N SER A 5 -2.41 -12.74 -8.40
CA SER A 5 -1.95 -11.70 -7.49
C SER A 5 -0.44 -11.51 -7.62
N SER A 6 -0.02 -10.26 -7.80
CA SER A 6 1.39 -9.94 -7.94
C SER A 6 1.77 -8.76 -7.04
N GLY A 7 2.46 -9.06 -5.94
CA GLY A 7 2.87 -8.02 -5.02
C GLY A 7 4.03 -8.46 -4.14
N SER A 8 5.22 -8.52 -4.73
CA SER A 8 6.41 -8.92 -3.99
C SER A 8 6.99 -7.76 -3.21
N LEU A 9 7.22 -7.97 -1.91
CA LEU A 9 7.76 -6.94 -1.04
C LEU A 9 9.12 -6.46 -1.55
N MET A 10 9.31 -5.14 -1.55
CA MET A 10 10.57 -4.56 -2.00
C MET A 10 11.58 -4.46 -0.86
N ASP A 11 12.83 -4.23 -1.21
CA ASP A 11 13.90 -4.11 -0.22
C ASP A 11 13.94 -2.70 0.38
N VAL A 12 12.86 -1.95 0.18
CA VAL A 12 12.77 -0.59 0.69
C VAL A 12 11.67 -0.47 1.74
N LYS A 13 11.98 0.23 2.83
CA LYS A 13 11.02 0.42 3.91
C LYS A 13 9.84 1.27 3.45
N CYS A 14 8.72 1.16 4.15
CA CYS A 14 7.53 1.92 3.82
C CYS A 14 7.79 3.42 3.92
N GLU A 15 7.16 4.19 3.03
CA GLU A 15 7.34 5.64 3.02
C GLU A 15 7.22 6.21 4.43
N THR A 16 6.18 5.78 5.15
CA THR A 16 5.96 6.26 6.52
C THR A 16 7.20 6.02 7.38
N PRO A 17 7.67 7.10 8.04
CA PRO A 17 8.84 7.03 8.92
C PRO A 17 8.57 6.24 10.19
N ASN A 18 7.33 5.82 10.37
CA ASN A 18 6.94 5.06 11.55
C ASN A 18 6.43 3.68 11.16
N CYS A 19 6.69 3.29 9.92
CA CYS A 19 6.26 1.99 9.42
C CYS A 19 7.45 1.16 8.96
N PRO A 20 7.81 0.14 9.75
CA PRO A 20 8.93 -0.74 9.46
C PRO A 20 8.66 -1.65 8.26
N PHE A 21 7.38 -1.79 7.90
CA PHE A 21 6.99 -2.62 6.78
C PHE A 21 7.71 -2.19 5.51
N PHE A 22 7.67 -3.05 4.50
CA PHE A 22 8.31 -2.76 3.22
C PHE A 22 7.29 -2.38 2.16
N MET A 23 7.72 -1.59 1.18
CA MET A 23 6.83 -1.15 0.11
C MET A 23 6.64 -2.27 -0.91
N SER A 24 5.38 -2.70 -1.08
CA SER A 24 5.06 -3.76 -2.03
C SER A 24 4.96 -3.21 -3.44
N VAL A 25 4.78 -4.10 -4.40
CA VAL A 25 4.67 -3.72 -5.81
C VAL A 25 3.28 -3.13 -6.10
N ASN A 26 2.30 -3.50 -5.30
CA ASN A 26 0.94 -3.02 -5.48
C ASN A 26 0.56 -2.04 -4.37
N THR A 27 1.51 -1.77 -3.49
CA THR A 27 1.29 -0.84 -2.38
C THR A 27 2.22 0.37 -2.47
N GLN A 28 3.25 0.25 -3.29
CA GLN A 28 4.21 1.33 -3.46
C GLN A 28 3.51 2.62 -3.88
N PRO A 29 4.04 3.76 -3.42
CA PRO A 29 5.23 3.79 -2.57
C PRO A 29 4.95 3.25 -1.16
N LEU A 30 3.69 3.32 -0.74
CA LEU A 30 3.29 2.83 0.57
C LEU A 30 3.40 1.31 0.64
N CYS A 31 3.10 0.76 1.81
CA CYS A 31 3.16 -0.68 2.01
C CYS A 31 1.76 -1.29 2.04
N HIS A 32 1.69 -2.61 2.21
CA HIS A 32 0.42 -3.31 2.25
C HIS A 32 -0.48 -2.74 3.35
N GLU A 33 0.04 -2.69 4.57
CA GLU A 33 -0.73 -2.17 5.70
C GLU A 33 -1.28 -0.78 5.37
N CYS A 34 -0.39 0.19 5.21
CA CYS A 34 -0.79 1.55 4.91
C CYS A 34 -1.73 1.59 3.69
N SER A 35 -1.28 1.02 2.59
CA SER A 35 -2.07 0.98 1.37
C SER A 35 -3.54 0.73 1.68
N GLU A 36 -3.82 -0.39 2.34
CA GLU A 36 -5.19 -0.74 2.70
C GLU A 36 -5.77 0.28 3.67
N ARG A 37 -4.93 0.78 4.57
CA ARG A 37 -5.37 1.76 5.56
C ARG A 37 -5.89 3.02 4.88
N ARG A 38 -5.19 3.46 3.84
CA ARG A 38 -5.59 4.66 3.10
C ARG A 38 -6.83 4.38 2.25
N GLN A 39 -6.85 3.22 1.60
CA GLN A 39 -7.96 2.84 0.74
C GLN A 39 -9.23 2.66 1.56
N LYS A 40 -9.18 1.75 2.54
CA LYS A 40 -10.32 1.48 3.40
C LYS A 40 -11.09 2.77 3.71
N ASN A 41 -10.36 3.88 3.79
CA ASN A 41 -10.97 5.17 4.09
C ASN A 41 -12.29 5.33 3.35
N GLN A 42 -12.30 4.95 2.07
CA GLN A 42 -13.51 5.04 1.25
C GLN A 42 -13.79 3.73 0.55
N ASN A 43 -15.05 3.32 0.55
CA ASN A 43 -15.46 2.07 -0.10
C ASN A 43 -15.18 2.11 -1.59
N SER A 44 -15.15 0.94 -2.22
CA SER A 44 -14.89 0.84 -3.65
C SER A 44 -15.65 1.93 -4.42
N GLY A 45 -16.97 1.94 -4.25
CA GLY A 45 -17.79 2.92 -4.94
C GLY A 45 -17.28 4.34 -4.75
N PRO A 46 -17.03 5.04 -5.86
CA PRO A 46 -16.52 6.41 -5.85
C PRO A 46 -17.57 7.41 -5.34
N SER A 47 -17.66 7.54 -4.02
CA SER A 47 -18.62 8.45 -3.41
C SER A 47 -17.99 9.83 -3.18
N SER A 48 -18.71 10.87 -3.57
CA SER A 48 -18.23 12.23 -3.41
C SER A 48 -18.16 12.61 -1.93
N GLY A 49 -19.26 12.42 -1.22
CA GLY A 49 -19.29 12.75 0.20
C GLY A 49 -20.30 11.91 0.96
N GLY A 1 -3.26 -3.34 -10.93
CA GLY A 1 -3.59 -4.70 -11.33
C GLY A 1 -5.00 -4.80 -11.89
N SER A 2 -5.14 -5.54 -12.99
CA SER A 2 -6.44 -5.72 -13.63
C SER A 2 -7.25 -6.80 -12.93
N SER A 3 -6.72 -8.02 -12.92
CA SER A 3 -7.40 -9.14 -12.29
C SER A 3 -7.09 -9.19 -10.80
N GLY A 4 -5.80 -9.19 -10.46
CA GLY A 4 -5.40 -9.23 -9.07
C GLY A 4 -4.38 -10.32 -8.79
N SER A 5 -3.11 -9.99 -8.99
CA SER A 5 -2.03 -10.95 -8.76
C SER A 5 -1.27 -10.63 -7.46
N SER A 6 -0.42 -11.56 -7.04
CA SER A 6 0.36 -11.38 -5.82
C SER A 6 1.53 -10.44 -6.06
N GLY A 7 1.76 -9.54 -5.12
CA GLY A 7 2.86 -8.60 -5.23
C GLY A 7 4.15 -9.13 -4.63
N SER A 8 5.12 -8.23 -4.43
CA SER A 8 6.40 -8.62 -3.86
C SER A 8 7.00 -7.48 -3.04
N LEU A 9 7.25 -7.75 -1.77
CA LEU A 9 7.83 -6.74 -0.88
C LEU A 9 9.22 -6.32 -1.34
N MET A 10 9.37 -5.03 -1.62
CA MET A 10 10.66 -4.50 -2.07
C MET A 10 11.64 -4.40 -0.90
N ASP A 11 12.90 -4.16 -1.22
CA ASP A 11 13.95 -4.03 -0.21
C ASP A 11 13.95 -2.63 0.39
N VAL A 12 12.88 -1.89 0.16
CA VAL A 12 12.76 -0.53 0.67
C VAL A 12 11.68 -0.45 1.74
N LYS A 13 11.96 0.32 2.79
CA LYS A 13 11.03 0.49 3.90
C LYS A 13 9.80 1.28 3.45
N CYS A 14 8.68 1.06 4.12
CA CYS A 14 7.44 1.76 3.79
C CYS A 14 7.64 3.27 3.84
N GLU A 15 7.07 3.97 2.87
CA GLU A 15 7.18 5.42 2.80
C GLU A 15 7.20 6.02 4.20
N THR A 16 6.28 5.58 5.05
CA THR A 16 6.19 6.08 6.41
C THR A 16 7.46 5.77 7.20
N PRO A 17 8.07 6.82 7.77
CA PRO A 17 9.30 6.69 8.56
C PRO A 17 9.05 5.97 9.89
N ASN A 18 7.79 5.70 10.19
CA ASN A 18 7.43 5.02 11.43
C ASN A 18 6.83 3.65 11.14
N CYS A 19 7.01 3.18 9.90
CA CYS A 19 6.48 1.88 9.50
C CYS A 19 7.61 0.96 9.06
N PRO A 20 7.82 -0.13 9.81
CA PRO A 20 8.86 -1.11 9.51
C PRO A 20 8.55 -1.92 8.26
N PHE A 21 7.27 -1.99 7.91
CA PHE A 21 6.84 -2.74 6.73
C PHE A 21 7.62 -2.29 5.49
N PHE A 22 7.64 -3.14 4.47
CA PHE A 22 8.34 -2.83 3.23
C PHE A 22 7.35 -2.48 2.12
N MET A 23 7.75 -1.56 1.23
CA MET A 23 6.91 -1.13 0.13
C MET A 23 6.71 -2.27 -0.87
N SER A 24 5.46 -2.58 -1.16
CA SER A 24 5.13 -3.65 -2.10
C SER A 24 5.06 -3.12 -3.52
N VAL A 25 5.28 -4.00 -4.50
CA VAL A 25 5.25 -3.61 -5.91
C VAL A 25 3.83 -3.24 -6.34
N ASN A 26 2.86 -3.58 -5.50
CA ASN A 26 1.45 -3.28 -5.79
C ASN A 26 0.87 -2.33 -4.75
N THR A 27 1.65 -2.04 -3.72
CA THR A 27 1.21 -1.15 -2.65
C THR A 27 2.07 0.11 -2.61
N GLN A 28 3.22 0.08 -3.26
CA GLN A 28 4.12 1.21 -3.29
C GLN A 28 3.39 2.48 -3.74
N PRO A 29 3.89 3.64 -3.29
CA PRO A 29 5.05 3.72 -2.41
C PRO A 29 4.77 3.18 -1.01
N LEU A 30 3.50 3.21 -0.63
CA LEU A 30 3.09 2.73 0.69
C LEU A 30 3.14 1.20 0.75
N CYS A 31 2.95 0.65 1.95
CA CYS A 31 2.97 -0.78 2.14
C CYS A 31 1.56 -1.34 2.32
N HIS A 32 1.38 -2.61 1.96
CA HIS A 32 0.07 -3.25 2.08
C HIS A 32 -0.70 -2.71 3.28
N GLU A 33 -0.08 -2.76 4.45
CA GLU A 33 -0.71 -2.27 5.67
C GLU A 33 -1.23 -0.85 5.48
N CYS A 34 -0.31 0.10 5.33
CA CYS A 34 -0.68 1.50 5.14
C CYS A 34 -1.54 1.68 3.90
N SER A 35 -0.97 1.36 2.73
CA SER A 35 -1.69 1.47 1.48
C SER A 35 -3.17 1.14 1.65
N GLU A 36 -3.44 -0.05 2.17
CA GLU A 36 -4.81 -0.49 2.40
C GLU A 36 -5.47 0.31 3.51
N ARG A 37 -4.67 0.68 4.52
CA ARG A 37 -5.17 1.44 5.65
C ARG A 37 -5.87 2.72 5.18
N ARG A 38 -5.19 3.49 4.35
CA ARG A 38 -5.75 4.73 3.82
C ARG A 38 -7.12 4.49 3.20
N GLN A 39 -7.23 3.42 2.41
CA GLN A 39 -8.49 3.08 1.76
C GLN A 39 -9.64 3.10 2.75
N LYS A 40 -9.50 2.36 3.83
CA LYS A 40 -10.53 2.29 4.86
C LYS A 40 -11.13 3.66 5.12
N ASN A 41 -10.26 4.66 5.27
CA ASN A 41 -10.71 6.03 5.52
C ASN A 41 -11.56 6.55 4.36
N GLN A 42 -12.80 6.90 4.66
CA GLN A 42 -13.72 7.41 3.65
C GLN A 42 -13.43 8.88 3.35
N ASN A 43 -13.51 9.71 4.38
CA ASN A 43 -13.26 11.14 4.23
C ASN A 43 -14.10 11.72 3.09
N SER A 44 -15.35 11.29 3.01
CA SER A 44 -16.26 11.77 1.97
C SER A 44 -15.63 11.60 0.59
N GLY A 45 -14.97 10.47 0.38
CA GLY A 45 -14.34 10.20 -0.89
C GLY A 45 -15.16 9.27 -1.77
N PRO A 46 -15.89 9.86 -2.73
CA PRO A 46 -16.74 9.10 -3.65
C PRO A 46 -15.92 8.27 -4.64
N SER A 47 -15.72 7.00 -4.31
CA SER A 47 -14.95 6.10 -5.16
C SER A 47 -15.85 5.01 -5.75
N SER A 48 -15.27 4.18 -6.62
CA SER A 48 -16.02 3.10 -7.25
C SER A 48 -15.07 2.08 -7.87
N GLY A 49 -15.63 0.95 -8.32
CA GLY A 49 -14.81 -0.08 -8.92
C GLY A 49 -14.38 -1.14 -7.92
N GLY A 1 5.34 -20.31 -6.07
CA GLY A 1 5.15 -20.19 -7.51
C GLY A 1 5.61 -18.84 -8.04
N SER A 2 4.92 -18.34 -9.05
CA SER A 2 5.26 -17.06 -9.65
C SER A 2 5.76 -16.07 -8.60
N SER A 3 5.06 -16.04 -7.46
CA SER A 3 5.41 -15.15 -6.37
C SER A 3 5.24 -13.69 -6.78
N GLY A 4 4.14 -13.41 -7.48
CA GLY A 4 3.87 -12.05 -7.92
C GLY A 4 2.41 -11.67 -7.76
N SER A 5 1.81 -12.09 -6.65
CA SER A 5 0.42 -11.78 -6.37
C SER A 5 0.29 -10.55 -5.48
N SER A 6 -0.59 -9.63 -5.88
CA SER A 6 -0.81 -8.40 -5.11
C SER A 6 0.51 -7.69 -4.86
N GLY A 7 1.39 -7.71 -5.85
CA GLY A 7 2.69 -7.06 -5.71
C GLY A 7 3.68 -7.89 -4.94
N SER A 8 4.86 -7.34 -4.70
CA SER A 8 5.90 -8.05 -3.97
C SER A 8 6.68 -7.10 -3.05
N LEU A 9 6.87 -7.52 -1.81
CA LEU A 9 7.59 -6.70 -0.83
C LEU A 9 9.03 -6.46 -1.29
N MET A 10 9.31 -5.23 -1.70
CA MET A 10 10.65 -4.85 -2.16
C MET A 10 11.60 -4.72 -0.98
N ASP A 11 12.87 -4.48 -1.28
CA ASP A 11 13.89 -4.33 -0.24
C ASP A 11 13.91 -2.90 0.31
N VAL A 12 12.83 -2.16 0.03
CA VAL A 12 12.72 -0.79 0.50
C VAL A 12 11.65 -0.65 1.57
N LYS A 13 11.94 0.12 2.60
CA LYS A 13 11.00 0.33 3.70
C LYS A 13 9.84 1.22 3.25
N CYS A 14 8.68 1.04 3.88
CA CYS A 14 7.50 1.82 3.56
C CYS A 14 7.81 3.32 3.60
N GLU A 15 7.28 4.05 2.62
CA GLU A 15 7.50 5.49 2.56
C GLU A 15 7.56 6.11 3.95
N THR A 16 6.50 5.89 4.73
CA THR A 16 6.43 6.42 6.08
C THR A 16 7.66 6.05 6.89
N PRO A 17 8.37 7.07 7.41
CA PRO A 17 9.58 6.87 8.21
C PRO A 17 9.28 6.26 9.57
N ASN A 18 7.99 6.08 9.86
CA ASN A 18 7.58 5.50 11.14
C ASN A 18 6.99 4.10 10.93
N CYS A 19 6.83 3.71 9.67
CA CYS A 19 6.29 2.40 9.34
C CYS A 19 7.40 1.40 9.09
N PRO A 20 7.56 0.43 10.03
CA PRO A 20 8.58 -0.60 9.94
C PRO A 20 8.29 -1.60 8.82
N PHE A 21 7.14 -1.46 8.19
CA PHE A 21 6.75 -2.35 7.10
C PHE A 21 7.31 -1.87 5.78
N PHE A 22 7.62 -2.81 4.88
CA PHE A 22 8.17 -2.48 3.58
C PHE A 22 7.05 -2.18 2.58
N MET A 23 7.40 -1.48 1.50
CA MET A 23 6.44 -1.12 0.47
C MET A 23 6.58 -2.02 -0.75
N SER A 24 5.50 -2.74 -1.07
CA SER A 24 5.52 -3.65 -2.21
C SER A 24 5.47 -2.87 -3.52
N VAL A 25 5.59 -3.59 -4.64
CA VAL A 25 5.56 -2.97 -5.96
C VAL A 25 4.15 -2.51 -6.32
N ASN A 26 3.16 -3.11 -5.67
CA ASN A 26 1.76 -2.76 -5.92
C ASN A 26 1.20 -1.89 -4.79
N THR A 27 2.04 -1.61 -3.80
CA THR A 27 1.64 -0.80 -2.66
C THR A 27 2.45 0.49 -2.58
N GLN A 28 3.65 0.46 -3.16
CA GLN A 28 4.53 1.62 -3.15
C GLN A 28 3.79 2.86 -3.66
N PRO A 29 4.22 4.03 -3.18
CA PRO A 29 5.32 4.15 -2.22
C PRO A 29 4.95 3.60 -0.84
N LEU A 30 3.65 3.42 -0.62
CA LEU A 30 3.16 2.91 0.66
C LEU A 30 3.24 1.39 0.70
N CYS A 31 2.94 0.81 1.86
CA CYS A 31 2.97 -0.64 2.03
C CYS A 31 1.56 -1.21 2.08
N HIS A 32 1.46 -2.53 2.20
CA HIS A 32 0.17 -3.20 2.25
C HIS A 32 -0.65 -2.70 3.43
N GLU A 33 0.03 -2.42 4.54
CA GLU A 33 -0.64 -1.93 5.75
C GLU A 33 -1.23 -0.55 5.52
N CYS A 34 -0.41 0.36 5.00
CA CYS A 34 -0.86 1.73 4.73
C CYS A 34 -1.75 1.78 3.49
N SER A 35 -1.58 0.79 2.62
CA SER A 35 -2.38 0.73 1.39
C SER A 35 -3.73 0.09 1.65
N GLU A 36 -3.76 -0.86 2.58
CA GLU A 36 -5.00 -1.55 2.92
C GLU A 36 -5.86 -0.70 3.86
N ARG A 37 -5.19 0.04 4.75
CA ARG A 37 -5.88 0.90 5.70
C ARG A 37 -6.40 2.16 5.03
N ARG A 38 -5.66 2.64 4.03
CA ARG A 38 -6.03 3.85 3.30
C ARG A 38 -7.23 3.58 2.40
N GLN A 39 -7.29 2.38 1.83
CA GLN A 39 -8.39 2.00 0.95
C GLN A 39 -9.71 1.94 1.71
N LYS A 40 -9.64 1.52 2.97
CA LYS A 40 -10.82 1.41 3.81
C LYS A 40 -11.56 2.75 3.88
N ASN A 41 -10.81 3.84 3.93
CA ASN A 41 -11.39 5.17 3.99
C ASN A 41 -12.52 5.32 2.98
N GLN A 42 -12.27 4.88 1.76
CA GLN A 42 -13.27 4.95 0.69
C GLN A 42 -13.73 6.39 0.49
N ASN A 43 -12.77 7.31 0.44
CA ASN A 43 -13.08 8.73 0.25
C ASN A 43 -13.13 9.08 -1.23
N SER A 44 -12.06 8.76 -1.94
CA SER A 44 -11.97 9.05 -3.38
C SER A 44 -13.04 8.27 -4.14
N GLY A 45 -13.35 8.73 -5.35
CA GLY A 45 -14.34 8.07 -6.17
C GLY A 45 -15.68 8.78 -6.16
N PRO A 46 -16.30 8.90 -7.35
CA PRO A 46 -17.60 9.58 -7.50
C PRO A 46 -18.73 8.79 -6.87
N SER A 47 -18.81 7.51 -7.20
CA SER A 47 -19.86 6.64 -6.67
C SER A 47 -20.00 6.82 -5.16
N SER A 48 -18.87 6.82 -4.47
CA SER A 48 -18.86 6.98 -3.02
C SER A 48 -18.84 8.45 -2.64
N GLY A 49 -19.54 8.77 -1.55
CA GLY A 49 -19.60 10.15 -1.09
C GLY A 49 -20.15 11.10 -2.14
N GLY A 1 -2.93 -19.08 -2.50
CA GLY A 1 -3.97 -18.64 -3.42
C GLY A 1 -4.59 -17.32 -2.99
N SER A 2 -5.82 -17.40 -2.47
CA SER A 2 -6.53 -16.21 -2.03
C SER A 2 -5.73 -15.46 -0.97
N SER A 3 -5.22 -16.21 0.01
CA SER A 3 -4.44 -15.62 1.09
C SER A 3 -3.12 -15.05 0.57
N GLY A 4 -2.34 -15.90 -0.08
CA GLY A 4 -1.06 -15.47 -0.63
C GLY A 4 -1.15 -14.13 -1.32
N SER A 5 -0.12 -13.30 -1.15
CA SER A 5 -0.09 -11.98 -1.77
C SER A 5 0.59 -12.03 -3.13
N SER A 6 -0.09 -11.47 -4.13
CA SER A 6 0.45 -11.46 -5.49
C SER A 6 1.63 -10.51 -5.60
N GLY A 7 1.46 -9.29 -5.09
CA GLY A 7 2.52 -8.31 -5.13
C GLY A 7 3.77 -8.76 -4.39
N SER A 8 4.93 -8.43 -4.95
CA SER A 8 6.20 -8.81 -4.33
C SER A 8 6.80 -7.64 -3.55
N LEU A 9 7.19 -7.91 -2.31
CA LEU A 9 7.79 -6.89 -1.46
C LEU A 9 9.08 -6.37 -2.06
N MET A 10 9.58 -5.25 -1.53
CA MET A 10 10.81 -4.65 -2.00
C MET A 10 11.85 -4.58 -0.89
N ASP A 11 13.08 -4.20 -1.24
CA ASP A 11 14.15 -4.10 -0.27
C ASP A 11 14.16 -2.72 0.38
N VAL A 12 13.07 -1.98 0.21
CA VAL A 12 12.95 -0.64 0.78
C VAL A 12 11.88 -0.60 1.86
N LYS A 13 12.01 0.36 2.77
CA LYS A 13 11.06 0.51 3.86
C LYS A 13 9.85 1.34 3.42
N CYS A 14 8.73 1.18 4.12
CA CYS A 14 7.52 1.92 3.79
C CYS A 14 7.78 3.43 3.83
N GLU A 15 7.12 4.15 2.94
CA GLU A 15 7.26 5.60 2.88
C GLU A 15 7.32 6.21 4.27
N THR A 16 6.31 5.93 5.07
CA THR A 16 6.23 6.44 6.43
C THR A 16 7.50 6.11 7.21
N PRO A 17 8.15 7.15 7.76
CA PRO A 17 9.38 6.98 8.54
C PRO A 17 9.13 6.31 9.89
N ASN A 18 7.88 5.95 10.14
CA ASN A 18 7.50 5.28 11.38
C ASN A 18 6.96 3.89 11.11
N CYS A 19 6.77 3.56 9.85
CA CYS A 19 6.26 2.26 9.46
C CYS A 19 7.40 1.30 9.10
N PRO A 20 7.54 0.24 9.89
CA PRO A 20 8.59 -0.77 9.69
C PRO A 20 8.35 -1.61 8.44
N PHE A 21 7.08 -1.76 8.07
CA PHE A 21 6.71 -2.54 6.90
C PHE A 21 7.48 -2.08 5.67
N PHE A 22 7.52 -2.92 4.65
CA PHE A 22 8.24 -2.60 3.42
C PHE A 22 7.26 -2.28 2.30
N MET A 23 7.73 -1.55 1.29
CA MET A 23 6.90 -1.18 0.15
C MET A 23 6.68 -2.37 -0.78
N SER A 24 5.47 -2.49 -1.31
CA SER A 24 5.13 -3.58 -2.21
C SER A 24 4.99 -3.09 -3.64
N VAL A 25 5.01 -4.02 -4.59
CA VAL A 25 4.89 -3.68 -6.00
C VAL A 25 3.46 -3.23 -6.34
N ASN A 26 2.53 -3.54 -5.45
CA ASN A 26 1.13 -3.17 -5.65
C ASN A 26 0.65 -2.23 -4.55
N THR A 27 1.53 -1.97 -3.58
CA THR A 27 1.20 -1.09 -2.47
C THR A 27 2.08 0.16 -2.47
N GLN A 28 3.22 0.06 -3.14
CA GLN A 28 4.16 1.19 -3.22
C GLN A 28 3.44 2.45 -3.69
N PRO A 29 3.99 3.61 -3.28
CA PRO A 29 5.19 3.68 -2.44
C PRO A 29 4.92 3.20 -1.02
N LEU A 30 3.65 3.15 -0.64
CA LEU A 30 3.27 2.71 0.69
C LEU A 30 3.35 1.19 0.81
N CYS A 31 3.06 0.67 2.00
CA CYS A 31 3.10 -0.76 2.24
C CYS A 31 1.69 -1.35 2.26
N HIS A 32 1.61 -2.68 2.26
CA HIS A 32 0.32 -3.37 2.27
C HIS A 32 -0.59 -2.77 3.35
N GLU A 33 -0.06 -2.62 4.55
CA GLU A 33 -0.82 -2.08 5.67
C GLU A 33 -1.38 -0.70 5.31
N CYS A 34 -0.49 0.28 5.18
CA CYS A 34 -0.89 1.65 4.84
C CYS A 34 -1.83 1.65 3.64
N SER A 35 -1.35 1.11 2.52
CA SER A 35 -2.14 1.07 1.30
C SER A 35 -3.62 0.86 1.62
N GLU A 36 -3.92 -0.18 2.39
CA GLU A 36 -5.30 -0.49 2.77
C GLU A 36 -5.81 0.51 3.80
N ARG A 37 -4.94 0.88 4.74
CA ARG A 37 -5.30 1.83 5.79
C ARG A 37 -6.02 3.04 5.20
N ARG A 38 -5.49 3.57 4.10
CA ARG A 38 -6.08 4.72 3.45
C ARG A 38 -7.45 4.39 2.89
N GLN A 39 -7.55 3.25 2.20
CA GLN A 39 -8.82 2.82 1.62
C GLN A 39 -9.92 2.80 2.66
N LYS A 40 -9.63 2.18 3.81
CA LYS A 40 -10.60 2.08 4.89
C LYS A 40 -11.28 3.43 5.14
N ASN A 41 -10.48 4.46 5.40
CA ASN A 41 -11.00 5.79 5.65
C ASN A 41 -11.10 6.59 4.36
N GLN A 42 -12.31 7.00 4.01
CA GLN A 42 -12.54 7.77 2.79
C GLN A 42 -13.02 9.18 3.12
N ASN A 43 -13.01 10.06 2.13
CA ASN A 43 -13.45 11.43 2.32
C ASN A 43 -14.36 11.88 1.17
N SER A 44 -15.27 12.79 1.47
CA SER A 44 -16.21 13.30 0.47
C SER A 44 -15.46 14.03 -0.65
N GLY A 45 -16.06 14.04 -1.83
CA GLY A 45 -15.44 14.71 -2.97
C GLY A 45 -15.63 13.95 -4.26
N PRO A 46 -15.75 14.68 -5.38
CA PRO A 46 -15.94 14.08 -6.70
C PRO A 46 -14.68 13.37 -7.20
N SER A 47 -13.63 13.40 -6.39
CA SER A 47 -12.37 12.76 -6.74
C SER A 47 -12.61 11.34 -7.25
N SER A 48 -13.19 10.50 -6.38
CA SER A 48 -13.47 9.11 -6.74
C SER A 48 -14.24 9.04 -8.04
N GLY A 49 -15.34 9.79 -8.12
CA GLY A 49 -16.16 9.79 -9.32
C GLY A 49 -16.76 11.15 -9.61
#